data_6H7O
#
_entry.id   6H7O
#
_cell.length_a   116.573
_cell.length_b   119.963
_cell.length_c   130.096
_cell.angle_alpha   90.00
_cell.angle_beta   90.00
_cell.angle_gamma   90.00
#
_symmetry.space_group_name_H-M   'P 21 21 21'
#
loop_
_entity.id
_entity.type
_entity.pdbx_description
1 polymer 'Thioredoxin 1'
2 polymer 'Beta-1 adrenergic receptor'
3 polymer 'Camelid antibody fragment Nb6B9'
4 non-polymer Cyanopindolol
5 non-polymer 'SODIUM ION'
6 non-polymer HEGA-10
7 water water
#
loop_
_entity_poly.entity_id
_entity_poly.type
_entity_poly.pdbx_seq_one_letter_code
_entity_poly.pdbx_strand_id
1 'polypeptide(L)'
;SDKIIHLTDDSFDTDVLKADGAILVDFWAEWSGPSKMIAPILDEIADEYQGKLTVAKLNIDQNPGTAPKYGIRGIPTLLL
FKNGEVAATKVGALSKGQLKEFLDANLAE
;
E,F
2 'polypeptide(L)'
;AAAKVMSLLMALVVLLIVAGNVLVIAAIGSTQRLQTLTNLFITSLACADLVVGLLVVPFGATLVVRGTWLWGSFLCELWT
SLDVLCVTASIETLCVIAIDRYLAITSPFRYQSLMTRARAKVIICTVWAISALVSFLPIMMHWWRDEDPQALKCYQDPGC
CDFVTNRAYAIASSIISFYIPLLIMIFVYLRVYREAKEQIRKIDRASKRKTSRVMAMKEHKALKTLGIIMGVFTLCWLPF
FLVNIVNVFNRDLVPDWLFVAFNWLGYANSAMNPIIYCRSPDFRKAFKRLLAFPRKADRRLHHHHHH
;
A,B
3 'polypeptide(L)'
;SQVQLQESGGGLVQAGGSLRLSCAASGSIFALNIMGWYRQAPGKQRELVAAIHSGGTTNYANSVKGRFTISRDNAANTVY
LQMNSLKPEDTAVYYCNVKDFGAIIYDYDYWGQGTQVTVSS
;
C,D
#
# COMPACT_ATOMS: atom_id res chain seq x y z
N ASP A 2 10.04 -8.98 62.26
CA ASP A 2 10.39 -7.76 63.05
C ASP A 2 9.41 -6.60 62.79
N LYS A 3 9.44 -6.05 61.57
CA LYS A 3 8.52 -4.97 61.15
C LYS A 3 7.29 -5.51 60.39
N ILE A 4 7.29 -6.81 60.12
CA ILE A 4 6.20 -7.49 59.40
C ILE A 4 5.09 -7.87 60.39
N ILE A 5 3.84 -7.62 59.98
CA ILE A 5 2.65 -8.07 60.72
C ILE A 5 2.44 -9.54 60.33
N HIS A 6 2.27 -10.40 61.33
CA HIS A 6 2.06 -11.83 61.09
C HIS A 6 0.58 -12.18 61.28
N LEU A 7 -0.13 -12.27 60.15
CA LEU A 7 -1.59 -12.24 60.11
C LEU A 7 -2.26 -13.53 60.57
N THR A 8 -3.58 -13.43 60.80
CA THR A 8 -4.46 -14.58 61.01
C THR A 8 -5.79 -14.34 60.29
N ASP A 9 -6.66 -15.36 60.24
CA ASP A 9 -8.01 -15.24 59.66
C ASP A 9 -8.88 -14.20 60.38
N ASP A 10 -8.79 -14.18 61.71
CA ASP A 10 -9.57 -13.26 62.55
C ASP A 10 -9.08 -11.82 62.41
N SER A 11 -7.78 -11.63 62.58
CA SER A 11 -7.16 -10.30 62.54
C SER A 11 -6.91 -9.74 61.13
N PHE A 12 -7.31 -10.46 60.07
CA PHE A 12 -7.14 -9.96 58.68
C PHE A 12 -7.94 -8.68 58.40
N ASP A 13 -9.14 -8.58 58.97
CA ASP A 13 -9.99 -7.38 58.78
C ASP A 13 -9.38 -6.13 59.43
N THR A 14 -8.78 -6.30 60.62
CA THR A 14 -8.12 -5.19 61.32
C THR A 14 -6.76 -4.86 60.72
N ASP A 15 -5.95 -5.89 60.46
CA ASP A 15 -4.56 -5.72 60.00
C ASP A 15 -4.41 -5.31 58.53
N VAL A 16 -5.41 -5.60 57.69
CA VAL A 16 -5.36 -5.31 56.24
C VAL A 16 -6.53 -4.46 55.73
N LEU A 17 -7.76 -4.88 56.02
CA LEU A 17 -8.96 -4.20 55.50
C LEU A 17 -9.24 -2.86 56.19
N LYS A 18 -9.00 -2.80 57.50
CA LYS A 18 -9.12 -1.55 58.29
C LYS A 18 -7.81 -0.73 58.37
N ALA A 19 -6.70 -1.32 57.95
CA ALA A 19 -5.37 -0.70 58.15
C ALA A 19 -5.16 0.48 57.23
N ASP A 20 -4.53 1.50 57.80
CA ASP A 20 -4.29 2.76 57.13
C ASP A 20 -3.12 2.60 56.15
N GLY A 21 -3.28 3.15 54.94
CA GLY A 21 -2.22 3.12 53.94
C GLY A 21 -2.04 1.78 53.28
N ALA A 22 -0.90 1.62 52.60
CA ALA A 22 -0.62 0.44 51.78
C ALA A 22 -0.22 -0.77 52.63
N ILE A 23 -0.83 -1.92 52.34
CA ILE A 23 -0.47 -3.19 52.96
C ILE A 23 -0.09 -4.16 51.86
N LEU A 24 1.15 -4.69 51.91
CA LEU A 24 1.58 -5.72 50.96
C LEU A 24 1.42 -7.11 51.60
N VAL A 25 0.30 -7.77 51.31
CA VAL A 25 0.00 -9.09 51.87
C VAL A 25 0.76 -10.16 51.08
N ASP A 26 1.29 -11.15 51.80
CA ASP A 26 2.01 -12.30 51.20
C ASP A 26 1.32 -13.59 51.60
N PHE A 27 0.61 -14.22 50.65
CA PHE A 27 0.01 -15.53 50.86
C PHE A 27 1.05 -16.60 50.55
N TRP A 28 1.42 -17.36 51.58
CA TRP A 28 2.53 -18.33 51.50
C TRP A 28 2.23 -19.61 52.28
N ALA A 29 3.10 -20.60 52.09
CA ALA A 29 3.05 -21.86 52.84
C ALA A 29 4.46 -22.35 53.09
N GLU A 30 4.62 -23.19 54.12
CA GLU A 30 5.92 -23.75 54.48
C GLU A 30 6.43 -24.74 53.40
N TRP A 31 5.50 -25.53 52.85
CA TRP A 31 5.81 -26.47 51.76
C TRP A 31 6.20 -25.82 50.41
N SER A 32 5.81 -24.56 50.19
CA SER A 32 6.13 -23.88 48.93
C SER A 32 7.57 -23.39 48.91
N GLY A 33 8.37 -23.95 47.99
CA GLY A 33 9.75 -23.52 47.78
C GLY A 33 9.86 -22.07 47.30
N PRO A 34 9.04 -21.67 46.31
CA PRO A 34 9.00 -20.28 45.85
C PRO A 34 8.57 -19.22 46.90
N SER A 35 7.78 -19.62 47.90
CA SER A 35 7.35 -18.71 48.97
C SER A 35 8.47 -18.27 49.91
N LYS A 36 9.32 -19.21 50.29
CA LYS A 36 10.48 -18.94 51.14
C LYS A 36 11.63 -18.24 50.38
N MET A 37 11.63 -18.32 49.05
CA MET A 37 12.62 -17.62 48.21
C MET A 37 12.48 -16.09 48.26
N ILE A 38 11.25 -15.60 48.45
CA ILE A 38 10.97 -14.14 48.62
C ILE A 38 10.86 -13.70 50.09
N ALA A 39 10.79 -14.64 51.03
CA ALA A 39 10.75 -14.35 52.48
C ALA A 39 11.87 -13.41 53.00
N PRO A 40 13.16 -13.66 52.62
CA PRO A 40 14.22 -12.72 53.02
C PRO A 40 14.17 -11.37 52.29
N ILE A 41 13.63 -11.36 51.06
CA ILE A 41 13.48 -10.12 50.28
C ILE A 41 12.39 -9.21 50.89
N LEU A 42 11.33 -9.82 51.42
CA LEU A 42 10.27 -9.07 52.12
C LEU A 42 10.73 -8.41 53.43
N ASP A 43 11.75 -9.00 54.08
CA ASP A 43 12.36 -8.38 55.27
C ASP A 43 13.09 -7.09 54.92
N GLU A 44 13.81 -7.10 53.80
CA GLU A 44 14.53 -5.92 53.32
C GLU A 44 13.57 -4.83 52.80
N ILE A 45 12.49 -5.26 52.14
CA ILE A 45 11.43 -4.37 51.64
C ILE A 45 10.63 -3.74 52.80
N ALA A 46 10.46 -4.46 53.91
CA ALA A 46 9.84 -3.91 55.12
C ALA A 46 10.62 -2.74 55.71
N ASP A 47 11.95 -2.81 55.63
CA ASP A 47 12.84 -1.72 56.08
C ASP A 47 12.83 -0.56 55.11
N GLU A 48 13.12 -0.85 53.84
CA GLU A 48 13.32 0.16 52.81
C GLU A 48 12.06 0.92 52.37
N TYR A 49 10.87 0.39 52.70
CA TYR A 49 9.60 1.09 52.45
C TYR A 49 8.83 1.37 53.76
N GLN A 50 9.54 1.76 54.82
CA GLN A 50 8.89 2.24 56.05
C GLN A 50 8.17 3.56 55.77
N GLY A 51 6.91 3.66 56.18
CA GLY A 51 6.07 4.84 55.91
C GLY A 51 5.25 4.71 54.64
N LYS A 52 5.89 4.28 53.55
CA LYS A 52 5.21 4.05 52.26
C LYS A 52 4.27 2.83 52.26
N LEU A 53 4.72 1.72 52.86
CA LEU A 53 3.88 0.51 53.02
C LEU A 53 4.24 -0.30 54.27
N THR A 54 3.36 -1.25 54.60
CA THR A 54 3.58 -2.20 55.68
C THR A 54 3.44 -3.61 55.12
N VAL A 55 4.46 -4.44 55.32
CA VAL A 55 4.45 -5.82 54.83
C VAL A 55 3.67 -6.69 55.80
N ALA A 56 2.80 -7.55 55.26
CA ALA A 56 2.03 -8.51 56.05
C ALA A 56 2.18 -9.90 55.44
N LYS A 57 2.15 -10.93 56.29
CA LYS A 57 2.30 -12.32 55.84
C LYS A 57 1.20 -13.18 56.44
N LEU A 58 0.55 -13.98 55.60
CA LEU A 58 -0.48 -14.93 56.04
C LEU A 58 -0.14 -16.33 55.55
N ASN A 59 0.16 -17.22 56.50
CA ASN A 59 0.43 -18.63 56.19
C ASN A 59 -0.90 -19.35 55.90
N ILE A 60 -1.11 -19.78 54.65
CA ILE A 60 -2.40 -20.33 54.20
C ILE A 60 -2.74 -21.76 54.68
N ASP A 61 -1.79 -22.45 55.32
CA ASP A 61 -2.07 -23.72 56.00
C ASP A 61 -2.68 -23.48 57.39
N GLN A 62 -2.05 -22.58 58.15
CA GLN A 62 -2.57 -22.16 59.46
C GLN A 62 -3.82 -21.27 59.35
N ASN A 63 -3.97 -20.57 58.22
CA ASN A 63 -5.07 -19.64 57.97
C ASN A 63 -5.71 -19.91 56.59
N PRO A 64 -6.44 -21.03 56.45
CA PRO A 64 -7.01 -21.43 55.15
C PRO A 64 -8.21 -20.60 54.65
N GLY A 65 -8.91 -19.91 55.57
CA GLY A 65 -10.15 -19.21 55.24
C GLY A 65 -10.05 -17.93 54.41
N THR A 66 -8.90 -17.26 54.45
CA THR A 66 -8.72 -15.95 53.78
C THR A 66 -8.40 -16.06 52.28
N ALA A 67 -7.58 -17.05 51.91
CA ALA A 67 -7.05 -17.17 50.54
C ALA A 67 -8.10 -17.38 49.42
N PRO A 68 -9.15 -18.22 49.64
CA PRO A 68 -10.19 -18.39 48.62
C PRO A 68 -10.96 -17.12 48.21
N LYS A 69 -11.09 -16.16 49.12
CA LYS A 69 -11.90 -14.95 48.88
C LYS A 69 -11.37 -14.02 47.78
N TYR A 70 -10.06 -14.02 47.55
CA TYR A 70 -9.44 -13.19 46.50
C TYR A 70 -8.96 -14.01 45.28
N GLY A 71 -9.29 -15.30 45.26
CA GLY A 71 -9.00 -16.17 44.11
C GLY A 71 -7.52 -16.52 43.97
N ILE A 72 -6.91 -16.93 45.07
CA ILE A 72 -5.49 -17.30 45.09
C ILE A 72 -5.35 -18.73 44.54
N ARG A 73 -4.74 -18.85 43.37
CA ARG A 73 -4.60 -20.12 42.65
C ARG A 73 -3.22 -20.74 42.91
N GLY A 74 -2.16 -19.96 42.70
CA GLY A 74 -0.78 -20.35 43.00
C GLY A 74 -0.19 -19.51 44.11
N ILE A 75 1.03 -19.85 44.55
CA ILE A 75 1.76 -19.09 45.59
C ILE A 75 3.26 -19.03 45.27
N PRO A 76 3.98 -17.97 45.69
CA PRO A 76 3.47 -16.86 46.52
C PRO A 76 2.75 -15.77 45.72
N THR A 77 1.68 -15.23 46.29
CA THR A 77 0.91 -14.15 45.68
C THR A 77 1.00 -12.90 46.57
N LEU A 78 1.54 -11.82 46.00
CA LEU A 78 1.65 -10.53 46.69
C LEU A 78 0.50 -9.60 46.29
N LEU A 79 -0.51 -9.48 47.15
CA LEU A 79 -1.65 -8.57 46.95
C LEU A 79 -1.41 -7.26 47.69
N LEU A 80 -1.37 -6.16 46.93
CA LEU A 80 -1.14 -4.83 47.48
C LEU A 80 -2.49 -4.17 47.77
N PHE A 81 -2.83 -4.06 49.07
CA PHE A 81 -4.09 -3.43 49.50
C PHE A 81 -3.87 -1.94 49.74
N LYS A 82 -4.78 -1.11 49.23
CA LYS A 82 -4.76 0.34 49.42
C LYS A 82 -6.08 0.83 50.00
N ASN A 83 -6.08 1.05 51.32
CA ASN A 83 -7.26 1.52 52.08
C ASN A 83 -8.44 0.54 52.01
N GLY A 84 -8.15 -0.73 52.28
CA GLY A 84 -9.15 -1.81 52.28
C GLY A 84 -9.60 -2.32 50.92
N GLU A 85 -8.84 -2.03 49.86
CA GLU A 85 -9.21 -2.36 48.47
C GLU A 85 -7.96 -2.88 47.74
N VAL A 86 -8.12 -3.95 46.95
CA VAL A 86 -7.00 -4.54 46.20
C VAL A 86 -6.69 -3.68 44.97
N ALA A 87 -5.47 -3.15 44.89
CA ALA A 87 -5.05 -2.29 43.78
C ALA A 87 -4.29 -3.08 42.72
N ALA A 88 -3.18 -3.71 43.14
CA ALA A 88 -2.29 -4.47 42.24
C ALA A 88 -2.15 -5.94 42.69
N THR A 89 -1.65 -6.76 41.77
CA THR A 89 -1.47 -8.21 42.02
C THR A 89 -0.20 -8.70 41.32
N LYS A 90 0.52 -9.61 41.98
CA LYS A 90 1.64 -10.33 41.36
C LYS A 90 1.78 -11.71 41.99
N VAL A 91 1.91 -12.74 41.13
CA VAL A 91 2.01 -14.13 41.57
C VAL A 91 3.36 -14.71 41.13
N GLY A 92 3.93 -15.58 41.96
CA GLY A 92 5.22 -16.22 41.69
C GLY A 92 6.39 -15.54 42.38
N ALA A 93 7.54 -16.22 42.39
CA ALA A 93 8.76 -15.69 42.97
C ALA A 93 9.45 -14.69 42.04
N LEU A 94 10.17 -13.75 42.62
CA LEU A 94 10.91 -12.72 41.87
C LEU A 94 12.06 -12.17 42.72
N SER A 95 13.04 -11.56 42.05
CA SER A 95 14.19 -10.94 42.73
C SER A 95 13.82 -9.59 43.36
N LYS A 96 14.77 -9.01 44.10
CA LYS A 96 14.56 -7.73 44.81
C LYS A 96 14.24 -6.58 43.85
N GLY A 97 15.00 -6.48 42.76
CA GLY A 97 14.80 -5.43 41.74
C GLY A 97 13.47 -5.51 41.03
N GLN A 98 12.98 -6.73 40.78
CA GLN A 98 11.67 -6.95 40.16
C GLN A 98 10.50 -6.55 41.08
N LEU A 99 10.65 -6.77 42.39
CA LEU A 99 9.65 -6.36 43.38
C LEU A 99 9.66 -4.85 43.62
N LYS A 100 10.85 -4.23 43.60
CA LYS A 100 10.97 -2.76 43.71
C LYS A 100 10.30 -2.05 42.52
N GLU A 101 10.45 -2.61 41.33
CA GLU A 101 9.77 -2.10 40.12
C GLU A 101 8.25 -2.19 40.23
N PHE A 102 7.76 -3.28 40.84
CA PHE A 102 6.34 -3.48 41.12
C PHE A 102 5.80 -2.48 42.15
N LEU A 103 6.55 -2.27 43.24
CA LEU A 103 6.12 -1.39 44.34
C LEU A 103 6.21 0.10 44.01
N ASP A 104 7.30 0.53 43.37
CA ASP A 104 7.49 1.94 42.98
C ASP A 104 6.46 2.41 41.94
N ALA A 105 6.10 1.52 41.02
CA ALA A 105 5.06 1.79 40.01
C ALA A 105 3.67 1.93 40.63
N ASN A 106 3.33 1.04 41.56
CA ASN A 106 1.98 0.99 42.16
C ASN A 106 1.75 1.96 43.34
N LEU A 107 2.82 2.50 43.93
CA LEU A 107 2.70 3.39 45.11
C LEU A 107 2.51 4.89 44.79
N ALA A 108 3.05 5.35 43.66
CA ALA A 108 2.96 6.78 43.27
C ALA A 108 1.56 7.21 42.79
N ALA B 2 4.18 6.05 38.91
CA ALA B 2 3.98 5.66 37.49
C ALA B 2 2.86 6.44 36.82
N ALA B 3 1.62 6.29 37.32
CA ALA B 3 0.44 6.97 36.74
C ALA B 3 0.47 8.51 36.84
N LYS B 4 1.24 9.04 37.79
CA LYS B 4 1.53 10.48 37.89
C LYS B 4 2.57 10.91 36.86
N VAL B 5 3.60 10.06 36.67
CA VAL B 5 4.66 10.29 35.69
C VAL B 5 4.17 10.06 34.26
N MET B 6 3.36 9.01 34.06
CA MET B 6 2.75 8.69 32.77
C MET B 6 1.88 9.83 32.25
N SER B 7 1.08 10.44 33.13
CA SER B 7 0.23 11.58 32.77
C SER B 7 1.03 12.82 32.37
N LEU B 8 2.12 13.09 33.11
CA LEU B 8 3.04 14.19 32.80
C LEU B 8 3.80 13.98 31.49
N LEU B 9 4.13 12.72 31.18
CA LEU B 9 4.88 12.37 29.98
C LEU B 9 4.08 12.61 28.70
N MET B 10 2.79 12.24 28.73
CA MET B 10 1.85 12.52 27.63
C MET B 10 1.71 14.02 27.31
N ALA B 11 1.81 14.86 28.33
CA ALA B 11 1.62 16.31 28.19
C ALA B 11 2.68 16.98 27.31
N LEU B 12 3.96 16.70 27.58
CA LEU B 12 5.06 17.29 26.79
C LEU B 12 5.15 16.69 25.38
N VAL B 13 4.66 15.45 25.20
CA VAL B 13 4.57 14.83 23.87
C VAL B 13 3.65 15.65 22.97
N VAL B 14 2.49 16.06 23.49
CA VAL B 14 1.60 16.94 22.75
C VAL B 14 2.23 18.32 22.54
N LEU B 15 2.95 18.81 23.55
CA LEU B 15 3.66 20.10 23.46
C LEU B 15 4.75 20.07 22.38
N LEU B 16 5.62 19.06 22.44
CA LEU B 16 6.68 18.86 21.44
C LEU B 16 6.13 18.74 20.02
N ILE B 17 5.06 17.95 19.85
CA ILE B 17 4.43 17.79 18.53
C ILE B 17 3.91 19.12 18.00
N VAL B 18 3.06 19.81 18.77
CA VAL B 18 2.44 21.03 18.27
C VAL B 18 3.50 22.11 18.08
N ALA B 19 4.42 22.24 19.04
CA ALA B 19 5.47 23.26 18.96
C ALA B 19 6.30 23.09 17.68
N GLY B 20 6.97 21.95 17.57
CA GLY B 20 7.82 21.64 16.41
C GLY B 20 7.14 21.91 15.09
N ASN B 21 6.00 21.27 14.86
CA ASN B 21 5.29 21.35 13.57
C ASN B 21 4.71 22.72 13.27
N VAL B 22 4.25 23.43 14.31
CA VAL B 22 3.86 24.85 14.14
C VAL B 22 5.07 25.68 13.70
N LEU B 23 6.20 25.43 14.34
CA LEU B 23 7.43 26.16 14.04
C LEU B 23 7.88 25.95 12.58
N VAL B 24 7.74 24.72 12.10
CA VAL B 24 8.12 24.32 10.74
C VAL B 24 7.23 25.01 9.71
N ILE B 25 5.92 24.87 9.89
CA ILE B 25 4.96 25.46 8.96
C ILE B 25 5.13 26.98 8.93
N ALA B 26 5.32 27.57 10.11
CA ALA B 26 5.57 29.00 10.23
C ALA B 26 6.80 29.40 9.44
N ALA B 27 7.90 28.65 9.66
CA ALA B 27 9.17 28.94 9.01
C ALA B 27 9.05 28.87 7.49
N ILE B 28 8.42 27.81 7.00
CA ILE B 28 8.27 27.60 5.55
C ILE B 28 7.36 28.68 4.94
N GLY B 29 6.21 28.91 5.56
CA GLY B 29 5.27 29.92 5.08
C GLY B 29 5.83 31.33 5.09
N SER B 30 6.62 31.65 6.10
CA SER B 30 7.12 33.00 6.34
C SER B 30 8.40 33.38 5.59
N THR B 31 9.17 32.36 5.18
CA THR B 31 10.45 32.56 4.50
C THR B 31 10.32 32.20 3.01
N GLN B 32 10.62 33.16 2.14
CA GLN B 32 10.60 32.94 0.68
C GLN B 32 11.62 31.87 0.29
N ARG B 33 12.77 31.91 0.95
CA ARG B 33 13.88 30.99 0.68
C ARG B 33 13.58 29.51 1.04
N LEU B 34 12.65 29.27 1.96
CA LEU B 34 12.31 27.91 2.40
C LEU B 34 11.27 27.23 1.51
N GLN B 35 10.61 27.97 0.63
CA GLN B 35 9.53 27.41 -0.17
C GLN B 35 10.06 26.63 -1.38
N THR B 36 10.84 25.58 -1.10
CA THR B 36 11.41 24.73 -2.14
C THR B 36 10.44 23.60 -2.44
N LEU B 37 10.80 22.79 -3.43
CA LEU B 37 10.00 21.62 -3.82
C LEU B 37 9.94 20.58 -2.68
N THR B 38 11.10 20.25 -2.12
CA THR B 38 11.18 19.28 -1.02
C THR B 38 10.43 19.76 0.21
N ASN B 39 10.59 21.03 0.56
CA ASN B 39 9.87 21.60 1.71
C ASN B 39 8.35 21.67 1.52
N LEU B 40 7.89 21.60 0.26
CA LEU B 40 6.47 21.39 -0.03
C LEU B 40 5.96 20.04 0.51
N PHE B 41 6.75 18.98 0.33
CA PHE B 41 6.46 17.67 0.92
C PHE B 41 6.63 17.68 2.44
N ILE B 42 7.62 18.43 2.95
CA ILE B 42 7.81 18.60 4.38
C ILE B 42 6.60 19.30 5.01
N THR B 43 6.00 20.23 4.25
CA THR B 43 4.79 20.94 4.69
C THR B 43 3.60 19.98 4.84
N SER B 44 3.43 19.07 3.89
CA SER B 44 2.39 18.02 3.99
C SER B 44 2.57 17.21 5.29
N LEU B 45 3.81 16.75 5.53
CA LEU B 45 4.16 15.96 6.70
C LEU B 45 3.83 16.70 7.98
N ALA B 46 4.27 17.96 8.06
CA ALA B 46 4.07 18.79 9.25
C ALA B 46 2.60 19.03 9.54
N CYS B 47 1.81 19.24 8.49
CA CYS B 47 0.36 19.33 8.66
C CYS B 47 -0.19 18.07 9.33
N ALA B 48 0.20 16.90 8.81
CA ALA B 48 -0.30 15.64 9.36
C ALA B 48 0.05 15.52 10.84
N ASP B 49 1.33 15.70 11.16
CA ASP B 49 1.82 15.55 12.53
C ASP B 49 1.22 16.60 13.47
N LEU B 50 0.95 17.81 12.94
CA LEU B 50 0.30 18.86 13.72
C LEU B 50 -1.11 18.43 14.15
N VAL B 51 -1.91 17.93 13.20
CA VAL B 51 -3.26 17.45 13.51
C VAL B 51 -3.22 16.30 14.52
N VAL B 52 -2.16 15.49 14.46
CA VAL B 52 -1.93 14.43 15.45
C VAL B 52 -1.84 15.04 16.86
N GLY B 53 -0.97 16.06 17.00
CA GLY B 53 -0.79 16.76 18.28
C GLY B 53 -1.98 17.57 18.79
N LEU B 54 -2.74 18.19 17.89
CA LEU B 54 -3.91 18.97 18.30
C LEU B 54 -5.09 18.09 18.71
N LEU B 55 -5.57 17.23 17.81
CA LEU B 55 -6.82 16.48 18.03
C LEU B 55 -6.59 15.01 18.42
N VAL B 56 -5.69 14.33 17.71
CA VAL B 56 -5.55 12.88 17.85
C VAL B 56 -4.99 12.46 19.20
N VAL B 57 -3.81 12.97 19.56
CA VAL B 57 -3.11 12.50 20.77
C VAL B 57 -3.83 12.94 22.05
N PRO B 58 -4.33 14.20 22.12
CA PRO B 58 -5.07 14.64 23.31
C PRO B 58 -6.27 13.78 23.72
N PHE B 59 -7.10 13.41 22.75
CA PHE B 59 -8.25 12.53 23.02
C PHE B 59 -7.73 11.14 23.41
N GLY B 60 -6.65 10.69 22.78
CA GLY B 60 -5.96 9.46 23.18
C GLY B 60 -5.37 9.47 24.58
N ALA B 61 -4.96 10.65 25.04
CA ALA B 61 -4.46 10.84 26.42
C ALA B 61 -5.57 10.63 27.44
N THR B 62 -6.74 11.22 27.17
CA THR B 62 -7.89 11.12 28.07
C THR B 62 -8.32 9.67 28.24
N LEU B 63 -8.62 9.01 27.13
CA LEU B 63 -9.03 7.60 27.11
C LEU B 63 -8.14 6.67 27.95
N VAL B 64 -6.85 6.98 28.05
CA VAL B 64 -5.95 6.24 28.94
C VAL B 64 -6.11 6.67 30.40
N VAL B 65 -6.15 7.99 30.65
CA VAL B 65 -6.23 8.54 32.01
C VAL B 65 -7.56 8.25 32.71
N ARG B 66 -8.67 8.47 32.01
CA ARG B 66 -10.00 8.18 32.56
C ARG B 66 -10.30 6.67 32.56
N GLY B 67 -9.72 5.94 31.61
CA GLY B 67 -10.02 4.51 31.42
C GLY B 67 -11.25 4.24 30.55
N THR B 68 -11.85 5.28 29.98
CA THR B 68 -13.05 5.14 29.14
C THR B 68 -13.30 6.36 28.23
N TRP B 69 -14.09 6.11 27.18
CA TRP B 69 -14.43 7.13 26.18
C TRP B 69 -15.62 7.99 26.61
N LEU B 70 -15.35 9.26 26.85
CA LEU B 70 -16.33 10.18 27.42
C LEU B 70 -17.19 10.94 26.40
N TRP B 71 -17.00 10.69 25.09
CA TRP B 71 -17.59 11.52 24.04
C TRP B 71 -18.45 10.77 22.99
N GLY B 72 -18.87 9.54 23.32
CA GLY B 72 -19.87 8.83 22.53
C GLY B 72 -19.36 8.16 21.28
N SER B 73 -20.19 7.28 20.73
CA SER B 73 -19.79 6.40 19.63
C SER B 73 -19.47 7.13 18.31
N PHE B 74 -20.12 8.27 18.06
CA PHE B 74 -19.85 9.04 16.84
C PHE B 74 -18.44 9.60 16.84
N LEU B 75 -18.09 10.32 17.90
CA LEU B 75 -16.75 10.87 18.03
C LEU B 75 -15.67 9.82 18.22
N CYS B 76 -16.00 8.66 18.80
CA CYS B 76 -15.05 7.57 18.84
C CYS B 76 -14.64 7.22 17.42
N GLU B 77 -15.64 6.96 16.57
CA GLU B 77 -15.38 6.61 15.16
C GLU B 77 -14.61 7.71 14.43
N LEU B 78 -15.10 8.93 14.56
CA LEU B 78 -14.55 10.08 13.86
C LEU B 78 -13.11 10.43 14.31
N TRP B 79 -12.84 10.26 15.59
CA TRP B 79 -11.48 10.40 16.14
C TRP B 79 -10.57 9.28 15.64
N THR B 80 -11.08 8.05 15.66
CA THR B 80 -10.36 6.89 15.14
C THR B 80 -10.04 7.07 13.65
N SER B 81 -11.01 7.57 12.89
CA SER B 81 -10.81 7.87 11.48
C SER B 81 -9.79 8.98 11.22
N LEU B 82 -9.83 10.01 12.05
CA LEU B 82 -8.84 11.10 11.97
C LEU B 82 -7.44 10.62 12.39
N ASP B 83 -7.38 9.73 13.37
CA ASP B 83 -6.13 9.13 13.81
C ASP B 83 -5.48 8.36 12.67
N VAL B 84 -6.23 7.42 12.09
CA VAL B 84 -5.71 6.56 11.02
C VAL B 84 -5.33 7.38 9.79
N LEU B 85 -6.19 8.33 9.41
CA LEU B 85 -5.91 9.24 8.29
C LEU B 85 -4.58 9.96 8.42
N CYS B 86 -4.39 10.64 9.56
CA CYS B 86 -3.17 11.46 9.77
C CYS B 86 -1.90 10.61 9.88
N VAL B 87 -1.98 9.49 10.59
CA VAL B 87 -0.86 8.56 10.67
C VAL B 87 -0.55 7.99 9.30
N THR B 88 -1.58 7.62 8.54
CA THR B 88 -1.36 7.15 7.18
C THR B 88 -0.65 8.22 6.35
N ALA B 89 -1.13 9.46 6.43
CA ALA B 89 -0.56 10.57 5.65
C ALA B 89 0.86 10.96 6.09
N SER B 90 1.14 10.89 7.39
CA SER B 90 2.49 11.11 7.88
C SER B 90 3.44 10.10 7.24
N ILE B 91 3.14 8.81 7.43
CA ILE B 91 4.05 7.73 7.03
C ILE B 91 4.24 7.70 5.52
N GLU B 92 3.15 7.88 4.78
CA GLU B 92 3.23 7.92 3.32
C GLU B 92 3.97 9.15 2.80
N THR B 93 3.83 10.30 3.48
CA THR B 93 4.59 11.50 3.09
C THR B 93 6.09 11.33 3.40
N LEU B 94 6.42 10.69 4.53
CA LEU B 94 7.82 10.30 4.82
C LEU B 94 8.46 9.54 3.68
N CYS B 95 7.66 8.63 3.13
CA CYS B 95 8.01 7.80 1.99
C CYS B 95 8.20 8.60 0.69
N VAL B 96 7.35 9.60 0.46
CA VAL B 96 7.48 10.48 -0.70
C VAL B 96 8.77 11.31 -0.64
N ILE B 97 9.08 11.82 0.54
CA ILE B 97 10.31 12.59 0.78
C ILE B 97 11.55 11.75 0.47
N ALA B 98 11.60 10.51 0.94
CA ALA B 98 12.71 9.59 0.61
C ALA B 98 12.95 9.50 -0.90
N ILE B 99 11.86 9.33 -1.64
CA ILE B 99 11.88 9.30 -3.11
C ILE B 99 12.39 10.62 -3.69
N ASP B 100 11.80 11.71 -3.23
CA ASP B 100 12.18 13.06 -3.66
C ASP B 100 13.68 13.32 -3.49
N ARG B 101 14.23 12.98 -2.31
CA ARG B 101 15.69 13.15 -2.05
C ARG B 101 16.53 12.17 -2.84
N TYR B 102 16.05 10.94 -3.00
CA TYR B 102 16.75 9.98 -3.85
C TYR B 102 16.91 10.54 -5.26
N LEU B 103 15.83 11.01 -5.87
CA LEU B 103 15.92 11.59 -7.22
C LEU B 103 16.71 12.88 -7.25
N ALA B 104 16.57 13.72 -6.23
CA ALA B 104 17.30 15.00 -6.16
C ALA B 104 18.82 14.84 -5.99
N ILE B 105 19.25 13.71 -5.43
CA ILE B 105 20.67 13.40 -5.22
C ILE B 105 21.25 12.56 -6.36
N THR B 106 20.56 11.51 -6.79
CA THR B 106 21.10 10.59 -7.80
C THR B 106 20.91 11.08 -9.23
N SER B 107 19.81 11.77 -9.50
CA SER B 107 19.46 12.18 -10.87
C SER B 107 18.98 13.63 -10.89
N PRO B 108 19.81 14.56 -10.38
CA PRO B 108 19.35 15.93 -10.07
C PRO B 108 18.80 16.72 -11.25
N PHE B 109 19.34 16.52 -12.46
CA PHE B 109 18.94 17.32 -13.64
C PHE B 109 17.66 16.78 -14.26
N ARG B 110 17.59 15.46 -14.38
CA ARG B 110 16.35 14.76 -14.78
C ARG B 110 15.20 15.12 -13.84
N TYR B 111 15.46 15.06 -12.54
CA TYR B 111 14.48 15.37 -11.50
C TYR B 111 13.86 16.77 -11.61
N GLN B 112 14.64 17.77 -12.03
CA GLN B 112 14.13 19.14 -12.11
C GLN B 112 13.04 19.32 -13.17
N SER B 113 13.22 18.68 -14.32
CA SER B 113 12.20 18.66 -15.36
C SER B 113 11.07 17.70 -15.03
N LEU B 114 11.44 16.51 -14.54
CA LEU B 114 10.49 15.47 -14.16
C LEU B 114 9.52 15.96 -13.07
N MET B 115 10.06 16.46 -11.96
CA MET B 115 9.23 16.92 -10.83
C MET B 115 9.02 18.43 -10.91
N THR B 116 7.81 18.82 -11.24
CA THR B 116 7.40 20.23 -11.17
C THR B 116 6.67 20.45 -9.87
N ARG B 117 6.33 21.71 -9.59
CA ARG B 117 5.57 22.07 -8.40
C ARG B 117 4.15 21.51 -8.48
N ALA B 118 3.53 21.67 -9.64
CA ALA B 118 2.20 21.09 -9.91
C ALA B 118 2.17 19.57 -9.78
N ARG B 119 3.23 18.89 -10.22
CA ARG B 119 3.31 17.43 -10.10
C ARG B 119 3.42 17.03 -8.63
N ALA B 120 4.19 17.78 -7.85
CA ALA B 120 4.28 17.56 -6.41
C ALA B 120 2.94 17.74 -5.70
N LYS B 121 2.18 18.76 -6.12
CA LYS B 121 0.84 19.03 -5.54
C LYS B 121 -0.11 17.86 -5.75
N VAL B 122 -0.06 17.28 -6.94
CA VAL B 122 -0.84 16.08 -7.24
C VAL B 122 -0.42 14.91 -6.34
N ILE B 123 0.89 14.72 -6.17
CA ILE B 123 1.42 13.66 -5.29
C ILE B 123 0.90 13.84 -3.85
N ILE B 124 0.93 15.08 -3.35
CA ILE B 124 0.46 15.37 -2.00
C ILE B 124 -1.03 15.02 -1.88
N CYS B 125 -1.83 15.46 -2.85
CA CYS B 125 -3.26 15.20 -2.86
C CYS B 125 -3.59 13.72 -2.98
N THR B 126 -2.82 12.99 -3.78
CA THR B 126 -2.91 11.53 -3.82
C THR B 126 -2.77 10.90 -2.43
N VAL B 127 -1.73 11.33 -1.69
CA VAL B 127 -1.40 10.73 -0.39
C VAL B 127 -2.53 10.96 0.61
N TRP B 128 -3.06 12.17 0.66
CA TRP B 128 -4.21 12.45 1.53
C TRP B 128 -5.47 11.71 1.08
N ALA B 129 -5.68 11.62 -0.24
CA ALA B 129 -6.81 10.84 -0.77
C ALA B 129 -6.70 9.36 -0.39
N ILE B 130 -5.51 8.78 -0.53
CA ILE B 130 -5.27 7.40 -0.11
C ILE B 130 -5.50 7.26 1.40
N SER B 131 -4.91 8.16 2.17
CA SER B 131 -5.05 8.18 3.62
C SER B 131 -6.51 8.23 4.07
N ALA B 132 -7.30 9.07 3.40
CA ALA B 132 -8.74 9.15 3.62
C ALA B 132 -9.44 7.82 3.36
N LEU B 133 -9.18 7.24 2.19
CA LEU B 133 -9.83 6.00 1.78
C LEU B 133 -9.41 4.78 2.57
N VAL B 134 -8.25 4.82 3.22
CA VAL B 134 -7.84 3.75 4.14
C VAL B 134 -8.52 3.93 5.51
N SER B 135 -8.77 5.18 5.88
CA SER B 135 -9.25 5.55 7.22
C SER B 135 -10.76 5.82 7.29
N PHE B 136 -11.19 6.98 6.82
CA PHE B 136 -12.57 7.41 6.98
C PHE B 136 -13.55 6.47 6.30
N LEU B 137 -13.32 6.19 5.02
CA LEU B 137 -14.24 5.36 4.25
C LEU B 137 -14.54 3.99 4.92
N PRO B 138 -13.50 3.20 5.27
CA PRO B 138 -13.81 1.93 5.93
C PRO B 138 -14.32 2.09 7.36
N ILE B 139 -13.74 3.02 8.11
CA ILE B 139 -14.08 3.17 9.53
C ILE B 139 -15.51 3.67 9.72
N MET B 140 -15.88 4.76 9.04
CA MET B 140 -17.23 5.34 9.15
C MET B 140 -18.31 4.45 8.53
N MET B 141 -17.96 3.68 7.51
CA MET B 141 -18.89 2.71 6.90
C MET B 141 -18.84 1.32 7.55
N HIS B 142 -18.10 1.18 8.65
CA HIS B 142 -18.09 -0.05 9.45
C HIS B 142 -17.52 -1.30 8.74
N TRP B 143 -16.63 -1.11 7.75
CA TRP B 143 -16.02 -2.24 7.04
C TRP B 143 -14.95 -2.91 7.90
N TRP B 144 -14.39 -2.15 8.82
CA TRP B 144 -13.47 -2.65 9.84
C TRP B 144 -14.03 -3.67 10.85
N ARG B 145 -15.34 -3.63 11.08
CA ARG B 145 -15.99 -4.35 12.20
C ARG B 145 -15.74 -5.87 12.23
N ASP B 146 -15.53 -6.38 13.44
CA ASP B 146 -15.44 -7.82 13.71
C ASP B 146 -16.86 -8.35 13.96
N GLU B 147 -17.08 -9.62 13.62
CA GLU B 147 -18.38 -10.29 13.88
C GLU B 147 -18.53 -10.72 15.34
N ASP B 148 -17.43 -11.13 15.96
CA ASP B 148 -17.34 -11.54 17.38
C ASP B 148 -18.32 -10.82 18.33
N PRO B 149 -19.02 -11.58 19.21
CA PRO B 149 -19.95 -10.95 20.15
C PRO B 149 -19.28 -10.05 21.22
N GLN B 150 -18.10 -10.46 21.70
CA GLN B 150 -17.33 -9.68 22.67
C GLN B 150 -16.81 -8.36 22.07
N ALA B 151 -16.39 -8.41 20.81
CA ALA B 151 -16.06 -7.21 20.03
C ALA B 151 -17.31 -6.35 19.80
N LEU B 152 -18.43 -7.00 19.51
CA LEU B 152 -19.72 -6.33 19.32
C LEU B 152 -20.30 -5.69 20.59
N LYS B 153 -19.84 -6.14 21.77
CA LYS B 153 -20.17 -5.45 23.04
C LYS B 153 -19.50 -4.08 23.17
N CYS B 154 -18.28 -3.95 22.62
CA CYS B 154 -17.57 -2.65 22.56
C CYS B 154 -18.20 -1.66 21.58
N TYR B 155 -18.70 -2.20 20.47
CA TYR B 155 -19.36 -1.38 19.45
C TYR B 155 -20.68 -0.83 19.96
N GLN B 156 -21.39 -1.64 20.77
CA GLN B 156 -22.64 -1.21 21.42
C GLN B 156 -22.42 -0.24 22.60
N ASP B 157 -21.39 -0.51 23.42
CA ASP B 157 -21.00 0.39 24.52
C ASP B 157 -20.36 1.67 23.96
N PRO B 158 -20.94 2.86 24.26
CA PRO B 158 -20.29 4.13 23.88
C PRO B 158 -19.04 4.50 24.70
N GLY B 159 -18.93 3.93 25.91
CA GLY B 159 -17.74 4.08 26.76
C GLY B 159 -16.52 3.29 26.28
N CYS B 160 -16.74 2.26 25.47
CA CYS B 160 -15.67 1.49 24.88
C CYS B 160 -15.33 2.07 23.51
N CYS B 161 -14.07 2.45 23.33
CA CYS B 161 -13.53 2.93 22.07
C CYS B 161 -12.22 2.21 21.76
N ASP B 162 -12.25 0.88 21.85
CA ASP B 162 -11.16 0.03 21.35
C ASP B 162 -11.31 -0.12 19.84
N PHE B 163 -10.16 -0.26 19.18
CA PHE B 163 -10.12 -0.43 17.72
C PHE B 163 -9.85 -1.90 17.41
N VAL B 164 -10.90 -2.70 17.57
CA VAL B 164 -10.87 -4.12 17.24
C VAL B 164 -11.39 -4.26 15.81
N THR B 165 -10.55 -4.77 14.93
CA THR B 165 -10.86 -4.85 13.49
C THR B 165 -10.94 -6.32 13.08
N ASN B 166 -11.57 -6.56 11.93
CA ASN B 166 -11.53 -7.91 11.32
C ASN B 166 -10.11 -8.25 10.82
N ARG B 167 -9.91 -9.50 10.39
CA ARG B 167 -8.62 -9.93 9.88
C ARG B 167 -8.21 -9.10 8.65
N ALA B 168 -9.13 -8.99 7.69
CA ALA B 168 -8.85 -8.36 6.39
C ALA B 168 -8.44 -6.90 6.49
N TYR B 169 -9.19 -6.10 7.24
CA TYR B 169 -8.86 -4.69 7.44
C TYR B 169 -7.48 -4.53 8.07
N ALA B 170 -7.25 -5.23 9.18
CA ALA B 170 -6.01 -5.12 9.94
C ALA B 170 -4.77 -5.39 9.10
N ILE B 171 -4.86 -6.37 8.19
CA ILE B 171 -3.75 -6.71 7.31
C ILE B 171 -3.57 -5.69 6.20
N ALA B 172 -4.65 -5.41 5.48
CA ALA B 172 -4.64 -4.47 4.35
C ALA B 172 -4.27 -3.04 4.76
N SER B 173 -4.93 -2.54 5.80
CA SER B 173 -4.66 -1.18 6.31
C SER B 173 -3.24 -1.04 6.85
N SER B 174 -2.73 -2.07 7.54
CA SER B 174 -1.36 -2.03 8.07
C SER B 174 -0.30 -2.09 6.97
N ILE B 175 -0.56 -2.91 5.94
CA ILE B 175 0.30 -2.96 4.76
C ILE B 175 0.35 -1.61 4.03
N ILE B 176 -0.83 -1.09 3.69
CA ILE B 176 -0.94 0.14 2.92
C ILE B 176 -0.35 1.35 3.67
N SER B 177 -0.70 1.47 4.95
CA SER B 177 -0.30 2.65 5.72
C SER B 177 1.13 2.59 6.23
N PHE B 178 1.65 1.37 6.52
CA PHE B 178 3.00 1.22 7.13
C PHE B 178 4.01 0.36 6.36
N TYR B 179 3.68 -0.89 6.05
CA TYR B 179 4.69 -1.83 5.51
C TYR B 179 5.18 -1.49 4.12
N ILE B 180 4.26 -1.16 3.21
CA ILE B 180 4.64 -0.72 1.86
C ILE B 180 5.52 0.55 1.88
N PRO B 181 5.10 1.60 2.64
CA PRO B 181 5.99 2.75 2.85
C PRO B 181 7.35 2.38 3.46
N LEU B 182 7.38 1.49 4.44
CA LEU B 182 8.66 1.05 5.02
C LEU B 182 9.56 0.39 3.98
N LEU B 183 9.00 -0.49 3.14
CA LEU B 183 9.80 -1.13 2.11
C LEU B 183 10.33 -0.10 1.13
N ILE B 184 9.44 0.75 0.62
CA ILE B 184 9.83 1.79 -0.34
C ILE B 184 10.97 2.64 0.24
N MET B 185 10.83 3.08 1.48
CA MET B 185 11.89 3.85 2.14
C MET B 185 13.20 3.08 2.24
N ILE B 186 13.15 1.79 2.53
CA ILE B 186 14.35 0.96 2.61
C ILE B 186 14.98 0.84 1.22
N PHE B 187 14.20 0.39 0.24
CA PHE B 187 14.66 0.27 -1.15
C PHE B 187 15.29 1.56 -1.67
N VAL B 188 14.53 2.65 -1.57
CA VAL B 188 14.92 3.97 -2.07
C VAL B 188 16.21 4.44 -1.43
N TYR B 189 16.24 4.47 -0.10
CA TYR B 189 17.41 4.94 0.64
C TYR B 189 18.60 4.00 0.54
N LEU B 190 18.38 2.73 0.21
CA LEU B 190 19.48 1.79 -0.02
C LEU B 190 20.18 2.05 -1.34
N ARG B 191 19.42 2.46 -2.37
CA ARG B 191 20.03 2.92 -3.64
C ARG B 191 20.86 4.19 -3.43
N VAL B 192 20.47 5.07 -2.51
CA VAL B 192 21.31 6.23 -2.14
C VAL B 192 22.64 5.76 -1.55
N TYR B 193 22.59 4.78 -0.66
CA TYR B 193 23.82 4.19 -0.12
C TYR B 193 24.66 3.54 -1.22
N ARG B 194 24.02 2.71 -2.03
CA ARG B 194 24.70 2.01 -3.13
C ARG B 194 25.26 2.96 -4.18
N GLU B 195 24.56 4.05 -4.46
CA GLU B 195 25.02 5.03 -5.43
C GLU B 195 26.30 5.71 -4.94
N ALA B 196 26.30 6.11 -3.67
CA ALA B 196 27.45 6.75 -3.05
C ALA B 196 28.66 5.82 -2.95
N LYS B 197 28.41 4.55 -2.61
CA LYS B 197 29.50 3.57 -2.48
C LYS B 197 30.08 3.16 -3.84
N GLU B 198 29.22 3.03 -4.86
CA GLU B 198 29.68 2.77 -6.23
C GLU B 198 30.47 3.97 -6.78
N GLN B 199 30.10 5.17 -6.39
CA GLN B 199 30.82 6.38 -6.82
C GLN B 199 32.20 6.48 -6.16
N ILE B 200 32.31 6.07 -4.89
CA ILE B 200 33.62 6.00 -4.20
C ILE B 200 34.53 4.95 -4.85
N ARG B 201 33.94 3.86 -5.35
CA ARG B 201 34.69 2.85 -6.10
C ARG B 201 35.30 3.44 -7.38
N LYS B 202 34.51 4.19 -8.13
CA LYS B 202 34.99 4.80 -9.39
C LYS B 202 36.14 5.79 -9.21
N ILE B 203 36.20 6.44 -8.04
CA ILE B 203 37.30 7.36 -7.71
C ILE B 203 38.60 6.58 -7.47
N ASP B 204 38.52 5.42 -6.82
CA ASP B 204 39.69 4.58 -6.57
C ASP B 204 40.32 4.03 -7.85
N ARG B 205 39.46 3.62 -8.79
CA ARG B 205 39.89 3.18 -10.13
C ARG B 205 40.47 4.34 -10.94
N ALA B 206 39.79 5.47 -10.88
CA ALA B 206 40.22 6.70 -11.57
C ALA B 206 41.64 7.15 -11.25
N SER B 207 42.09 6.87 -10.03
CA SER B 207 43.43 7.26 -9.57
C SER B 207 44.60 6.52 -10.26
N LYS B 208 44.32 5.43 -10.99
CA LYS B 208 45.34 4.55 -11.58
C LYS B 208 46.18 3.90 -10.47
N ARG B 209 45.48 3.34 -9.46
CA ARG B 209 46.08 2.68 -8.31
C ARG B 209 47.08 3.55 -7.54
N LYS B 210 46.73 4.83 -7.37
CA LYS B 210 47.57 5.78 -6.60
C LYS B 210 46.99 6.12 -5.22
N THR B 211 45.66 6.20 -5.10
CA THR B 211 44.99 6.37 -3.81
C THR B 211 43.79 5.44 -3.64
N SER B 212 43.50 5.14 -2.37
CA SER B 212 42.29 4.46 -1.95
C SER B 212 41.53 5.40 -1.03
N ARG B 213 40.29 5.75 -1.40
CA ARG B 213 39.41 6.58 -0.58
C ARG B 213 39.05 5.93 0.75
N VAL B 214 38.85 6.78 1.76
CA VAL B 214 38.34 6.37 3.08
C VAL B 214 37.18 7.30 3.45
N MET B 215 36.26 6.80 4.28
CA MET B 215 35.13 7.60 4.76
C MET B 215 35.59 8.87 5.48
N ALA B 216 35.29 10.01 4.87
CA ALA B 216 35.58 11.33 5.44
C ALA B 216 34.45 11.79 6.37
N MET B 217 34.56 13.02 6.86
CA MET B 217 33.53 13.67 7.70
C MET B 217 32.15 13.60 7.05
N LYS B 218 32.07 14.01 5.78
CA LYS B 218 30.79 14.03 5.04
C LYS B 218 30.11 12.67 4.91
N GLU B 219 30.89 11.60 4.72
CA GLU B 219 30.33 10.25 4.57
C GLU B 219 29.80 9.68 5.90
N HIS B 220 30.53 9.89 6.99
CA HIS B 220 30.08 9.43 8.32
C HIS B 220 28.77 10.11 8.74
N LYS B 221 28.67 11.42 8.48
CA LYS B 221 27.45 12.17 8.80
C LYS B 221 26.26 11.74 7.93
N ALA B 222 26.50 11.53 6.63
CA ALA B 222 25.44 11.10 5.70
C ALA B 222 24.87 9.76 6.11
N LEU B 223 25.75 8.85 6.55
CA LEU B 223 25.35 7.52 6.98
C LEU B 223 24.68 7.54 8.35
N LYS B 224 25.07 8.48 9.21
CA LYS B 224 24.37 8.74 10.47
C LYS B 224 22.95 9.27 10.20
N THR B 225 22.85 10.29 9.35
CA THR B 225 21.57 10.90 8.94
C THR B 225 20.64 9.89 8.29
N LEU B 226 21.17 9.17 7.32
CA LEU B 226 20.43 8.10 6.67
C LEU B 226 19.99 7.01 7.66
N GLY B 227 20.77 6.82 8.71
CA GLY B 227 20.41 5.94 9.82
C GLY B 227 19.29 6.47 10.68
N ILE B 228 19.40 7.72 11.14
CA ILE B 228 18.37 8.37 11.98
C ILE B 228 16.98 8.26 11.35
N ILE B 229 16.93 8.49 10.04
CA ILE B 229 15.67 8.50 9.27
C ILE B 229 14.99 7.13 9.38
N MET B 230 15.69 6.10 8.91
CA MET B 230 15.17 4.74 8.95
C MET B 230 15.05 4.22 10.37
N GLY B 231 15.96 4.66 11.25
CA GLY B 231 15.97 4.24 12.64
C GLY B 231 14.75 4.69 13.43
N VAL B 232 14.55 6.00 13.47
CA VAL B 232 13.47 6.59 14.27
C VAL B 232 12.10 6.19 13.70
N PHE B 233 11.94 6.24 12.38
CA PHE B 233 10.69 5.82 11.75
C PHE B 233 10.35 4.37 12.11
N THR B 234 11.33 3.48 12.00
CA THR B 234 11.12 2.05 12.28
C THR B 234 10.89 1.79 13.77
N LEU B 235 11.79 2.31 14.61
CA LEU B 235 11.60 2.27 16.07
C LEU B 235 10.18 2.71 16.45
N CYS B 236 9.72 3.84 15.90
CA CYS B 236 8.45 4.42 16.33
C CYS B 236 7.19 3.65 15.91
N TRP B 237 7.15 3.14 14.68
CA TRP B 237 5.95 2.49 14.13
C TRP B 237 6.03 0.98 13.91
N LEU B 238 7.23 0.40 13.80
CA LEU B 238 7.33 -1.06 13.62
C LEU B 238 6.71 -1.88 14.76
N PRO B 239 6.96 -1.49 16.03
CA PRO B 239 6.38 -2.21 17.16
C PRO B 239 4.85 -2.27 17.11
N PHE B 240 4.20 -1.12 16.97
CA PHE B 240 2.73 -1.02 16.92
C PHE B 240 2.13 -1.81 15.73
N PHE B 241 2.71 -1.64 14.54
CA PHE B 241 2.22 -2.30 13.33
C PHE B 241 2.59 -3.77 13.23
N LEU B 242 3.64 -4.17 13.94
CA LEU B 242 4.00 -5.59 14.06
C LEU B 242 2.94 -6.30 14.92
N VAL B 243 2.66 -5.70 16.08
CA VAL B 243 1.64 -6.20 17.01
C VAL B 243 0.23 -6.14 16.41
N ASN B 244 -0.02 -5.12 15.61
CA ASN B 244 -1.29 -4.94 14.88
C ASN B 244 -1.66 -6.18 14.03
N ILE B 245 -0.65 -6.83 13.43
CA ILE B 245 -0.85 -8.07 12.65
C ILE B 245 -0.91 -9.29 13.56
N VAL B 246 -0.14 -9.28 14.65
CA VAL B 246 -0.11 -10.38 15.63
C VAL B 246 -1.51 -10.70 16.17
N ASN B 247 -2.26 -9.67 16.56
CA ASN B 247 -3.58 -9.83 17.18
C ASN B 247 -4.66 -10.35 16.21
N VAL B 248 -4.42 -10.23 14.91
CA VAL B 248 -5.25 -10.88 13.87
C VAL B 248 -5.27 -12.40 14.02
N PHE B 249 -4.12 -12.98 14.33
CA PHE B 249 -4.02 -14.43 14.53
C PHE B 249 -4.49 -14.80 15.95
N ASN B 250 -3.68 -14.48 16.97
CA ASN B 250 -3.94 -14.86 18.36
C ASN B 250 -4.03 -13.62 19.23
N ARG B 251 -5.24 -13.11 19.45
CA ARG B 251 -5.44 -11.81 20.12
C ARG B 251 -4.90 -11.72 21.56
N ASP B 252 -4.88 -12.84 22.27
CA ASP B 252 -4.45 -12.87 23.69
C ASP B 252 -2.94 -12.71 23.92
N LEU B 253 -2.11 -13.02 22.92
CA LEU B 253 -0.65 -13.14 23.10
C LEU B 253 0.00 -11.84 23.60
N VAL B 254 -0.31 -10.73 22.94
CA VAL B 254 0.20 -9.41 23.33
C VAL B 254 -0.88 -8.67 24.15
N PRO B 255 -0.50 -8.11 25.32
CA PRO B 255 -1.49 -7.46 26.18
C PRO B 255 -1.95 -6.10 25.66
N ASP B 256 -3.05 -5.60 26.21
CA ASP B 256 -3.63 -4.32 25.78
C ASP B 256 -2.74 -3.13 26.14
N TRP B 257 -2.18 -3.13 27.34
CA TRP B 257 -1.30 -2.03 27.79
C TRP B 257 -0.08 -1.82 26.86
N LEU B 258 0.51 -2.91 26.38
CA LEU B 258 1.69 -2.86 25.48
C LEU B 258 1.32 -2.37 24.09
N PHE B 259 0.18 -2.87 23.59
CA PHE B 259 -0.40 -2.41 22.34
C PHE B 259 -0.62 -0.90 22.34
N VAL B 260 -1.15 -0.37 23.43
CA VAL B 260 -1.34 1.08 23.57
C VAL B 260 0.00 1.79 23.81
N ALA B 261 0.89 1.19 24.59
CA ALA B 261 2.25 1.74 24.80
C ALA B 261 3.01 1.92 23.49
N PHE B 262 2.92 0.94 22.60
CA PHE B 262 3.52 1.03 21.26
C PHE B 262 2.85 2.08 20.34
N ASN B 263 1.55 2.33 20.53
CA ASN B 263 0.84 3.39 19.80
C ASN B 263 1.30 4.78 20.23
N TRP B 264 1.71 4.93 21.49
CA TRP B 264 2.29 6.20 21.97
C TRP B 264 3.68 6.44 21.41
N LEU B 265 4.41 5.36 21.19
CA LEU B 265 5.71 5.42 20.53
C LEU B 265 5.57 5.93 19.10
N GLY B 266 4.52 5.49 18.40
CA GLY B 266 4.18 6.02 17.07
C GLY B 266 3.77 7.48 17.07
N TYR B 267 3.02 7.89 18.09
CA TYR B 267 2.70 9.31 18.28
C TYR B 267 3.96 10.14 18.50
N ALA B 268 4.98 9.53 19.11
CA ALA B 268 6.28 10.20 19.33
C ALA B 268 6.99 10.56 18.02
N ASN B 269 6.84 9.72 17.00
CA ASN B 269 7.37 10.00 15.65
C ASN B 269 7.00 11.42 15.19
N SER B 270 5.72 11.78 15.35
CA SER B 270 5.21 13.07 14.90
C SER B 270 5.93 14.27 15.53
N ALA B 271 6.51 14.07 16.71
CA ALA B 271 7.39 15.06 17.35
C ALA B 271 8.81 15.04 16.78
N MET B 272 9.30 13.86 16.42
CA MET B 272 10.67 13.68 15.86
C MET B 272 10.86 14.24 14.44
N ASN B 273 9.81 14.18 13.61
CA ASN B 273 9.92 14.56 12.19
C ASN B 273 10.39 16.00 11.94
N PRO B 274 9.88 16.99 12.70
CA PRO B 274 10.50 18.32 12.65
C PRO B 274 12.01 18.33 12.89
N ILE B 275 12.47 17.53 13.84
CA ILE B 275 13.89 17.46 14.19
C ILE B 275 14.73 16.82 13.08
N ILE B 276 14.21 15.74 12.48
CA ILE B 276 14.93 14.99 11.44
C ILE B 276 15.00 15.80 10.15
N TYR B 277 13.84 16.26 9.69
CA TYR B 277 13.69 16.74 8.33
C TYR B 277 13.84 18.26 8.12
N CYS B 278 14.14 19.03 9.17
CA CYS B 278 14.23 20.50 9.05
C CYS B 278 15.48 21.12 9.67
N ARG B 279 16.63 20.51 9.41
CA ARG B 279 17.92 20.98 9.96
C ARG B 279 18.68 21.91 9.00
N SER B 280 18.13 22.19 7.81
CA SER B 280 18.85 22.99 6.82
C SER B 280 19.18 24.40 7.37
N PRO B 281 20.29 25.00 6.88
CA PRO B 281 20.68 26.30 7.42
C PRO B 281 19.63 27.39 7.23
N ASP B 282 18.89 27.34 6.13
CA ASP B 282 17.73 28.21 5.95
C ASP B 282 16.64 27.96 6.99
N PHE B 283 16.40 26.70 7.36
CA PHE B 283 15.47 26.38 8.47
C PHE B 283 16.00 26.95 9.79
N ARG B 284 17.27 26.72 10.08
CA ARG B 284 17.88 27.20 11.32
C ARG B 284 17.78 28.71 11.46
N LYS B 285 18.08 29.43 10.37
CA LYS B 285 17.94 30.90 10.34
C LYS B 285 16.50 31.32 10.60
N ALA B 286 15.55 30.66 9.92
CA ALA B 286 14.13 30.95 10.07
C ALA B 286 13.69 30.73 11.51
N PHE B 287 14.08 29.59 12.09
CA PHE B 287 13.69 29.26 13.45
C PHE B 287 14.13 30.32 14.48
N LYS B 288 15.35 30.83 14.30
CA LYS B 288 15.86 31.90 15.18
C LYS B 288 15.13 33.22 14.95
N ARG B 289 14.86 33.55 13.69
CA ARG B 289 14.07 34.73 13.33
C ARG B 289 12.65 34.68 13.89
N LEU B 290 12.03 33.50 13.88
CA LEU B 290 10.70 33.31 14.46
C LEU B 290 10.68 33.44 15.99
N LEU B 291 11.77 33.03 16.64
CA LEU B 291 11.91 33.14 18.09
C LEU B 291 12.78 34.36 18.44
N GLN C 2 38.31 22.87 6.18
CA GLN C 2 37.27 23.58 5.37
C GLN C 2 37.33 23.13 3.91
N VAL C 3 36.18 23.24 3.23
CA VAL C 3 36.09 23.03 1.78
C VAL C 3 36.34 24.37 1.10
N GLN C 4 37.33 24.42 0.20
CA GLN C 4 37.66 25.64 -0.54
C GLN C 4 37.81 25.36 -2.04
N LEU C 5 37.35 26.32 -2.84
CA LEU C 5 37.29 26.21 -4.29
C LEU C 5 38.30 27.18 -4.92
N GLN C 6 39.30 26.64 -5.62
CA GLN C 6 40.39 27.45 -6.19
C GLN C 6 40.23 27.61 -7.72
N GLU C 7 39.83 28.80 -8.15
CA GLU C 7 39.54 29.07 -9.56
C GLU C 7 40.75 29.59 -10.32
N SER C 8 40.87 29.15 -11.56
CA SER C 8 41.97 29.55 -12.43
C SER C 8 41.57 29.41 -13.90
N GLY C 9 42.40 29.94 -14.79
CA GLY C 9 42.27 29.70 -16.23
C GLY C 9 41.54 30.77 -17.01
N GLY C 10 41.05 31.80 -16.31
CA GLY C 10 40.37 32.92 -16.96
C GLY C 10 41.33 34.04 -17.33
N GLY C 11 40.75 35.10 -17.89
CA GLY C 11 41.47 36.34 -18.19
C GLY C 11 40.97 37.01 -19.45
N LEU C 12 41.84 37.82 -20.06
CA LEU C 12 41.53 38.48 -21.33
C LEU C 12 41.74 37.50 -22.47
N VAL C 13 40.90 37.60 -23.50
CA VAL C 13 41.05 36.80 -24.71
C VAL C 13 40.29 37.43 -25.89
N GLN C 14 40.82 37.23 -27.09
CA GLN C 14 40.22 37.73 -28.34
C GLN C 14 38.93 36.94 -28.65
N ALA C 15 37.95 37.62 -29.22
CA ALA C 15 36.70 36.98 -29.67
C ALA C 15 36.96 35.86 -30.69
N GLY C 16 36.06 34.88 -30.71
CA GLY C 16 36.27 33.64 -31.46
C GLY C 16 37.36 32.75 -30.88
N GLY C 17 37.81 33.04 -29.66
CA GLY C 17 38.94 32.37 -29.04
C GLY C 17 38.53 31.24 -28.11
N SER C 18 39.41 30.93 -27.16
CA SER C 18 39.24 29.80 -26.26
C SER C 18 39.85 30.05 -24.88
N LEU C 19 39.23 29.48 -23.85
CA LEU C 19 39.78 29.46 -22.49
C LEU C 19 39.45 28.12 -21.83
N ARG C 20 40.14 27.82 -20.73
CA ARG C 20 39.86 26.59 -19.99
C ARG C 20 39.90 26.82 -18.49
N LEU C 21 38.72 27.14 -17.94
CA LEU C 21 38.57 27.33 -16.50
C LEU C 21 38.77 26.02 -15.76
N SER C 22 39.26 26.14 -14.52
CA SER C 22 39.54 24.99 -13.67
C SER C 22 39.29 25.35 -12.21
N CYS C 23 38.45 24.58 -11.54
CA CYS C 23 38.14 24.78 -10.14
C CYS C 23 38.51 23.54 -9.35
N ALA C 24 39.56 23.64 -8.53
CA ALA C 24 40.00 22.52 -7.68
C ALA C 24 39.43 22.71 -6.28
N ALA C 25 38.57 21.76 -5.88
CA ALA C 25 37.91 21.80 -4.59
C ALA C 25 38.68 20.98 -3.55
N SER C 26 39.46 21.69 -2.73
CA SER C 26 40.21 21.07 -1.65
C SER C 26 39.34 21.01 -0.40
N GLY C 27 39.16 19.81 0.15
CA GLY C 27 38.39 19.60 1.37
C GLY C 27 37.43 18.44 1.26
N SER C 28 36.76 18.13 2.37
CA SER C 28 35.84 16.99 2.46
C SER C 28 34.51 17.27 1.76
N ILE C 29 34.26 16.55 0.65
CA ILE C 29 33.00 16.62 -0.08
C ILE C 29 32.38 15.22 -0.10
N PHE C 30 31.06 15.16 -0.01
CA PHE C 30 30.31 13.91 -0.10
C PHE C 30 30.39 13.40 -1.53
N ALA C 31 30.47 12.08 -1.69
CA ALA C 31 30.65 11.45 -3.00
C ALA C 31 29.61 11.87 -4.05
N LEU C 32 28.37 12.02 -3.60
CA LEU C 32 27.29 12.53 -4.44
C LEU C 32 27.23 14.05 -4.37
N ASN C 33 27.44 14.71 -5.50
CA ASN C 33 27.47 16.19 -5.56
C ASN C 33 27.34 16.72 -6.97
N ILE C 34 27.19 18.04 -7.09
CA ILE C 34 27.27 18.73 -8.39
C ILE C 34 28.33 19.83 -8.35
N MET C 35 29.34 19.70 -9.21
CA MET C 35 30.30 20.76 -9.45
C MET C 35 29.84 21.54 -10.68
N GLY C 36 29.78 22.86 -10.56
CA GLY C 36 29.28 23.72 -11.63
C GLY C 36 29.95 25.07 -11.74
N TRP C 37 29.68 25.72 -12.86
CA TRP C 37 30.14 27.08 -13.14
C TRP C 37 28.92 27.95 -13.36
N TYR C 38 28.82 29.01 -12.56
CA TYR C 38 27.84 30.07 -12.78
C TYR C 38 28.63 31.32 -13.13
N ARG C 39 27.95 32.29 -13.73
CA ARG C 39 28.59 33.54 -14.13
C ARG C 39 27.68 34.75 -13.89
N GLN C 40 28.27 35.86 -13.47
CA GLN C 40 27.55 37.11 -13.24
C GLN C 40 28.08 38.17 -14.19
N ALA C 41 27.32 38.41 -15.26
CA ALA C 41 27.64 39.47 -16.24
C ALA C 41 27.52 40.87 -15.59
N PRO C 42 28.11 41.92 -16.22
CA PRO C 42 28.13 43.22 -15.54
C PRO C 42 26.73 43.79 -15.35
N GLY C 43 26.36 44.03 -14.09
CA GLY C 43 25.01 44.52 -13.74
C GLY C 43 23.89 43.59 -14.16
N LYS C 44 24.09 42.28 -14.00
CA LYS C 44 23.08 41.26 -14.28
C LYS C 44 23.08 40.20 -13.18
N GLN C 45 22.06 39.36 -13.18
CA GLN C 45 21.93 38.30 -12.17
C GLN C 45 22.80 37.11 -12.52
N ARG C 46 23.33 36.46 -11.49
CA ARG C 46 24.11 35.24 -11.66
C ARG C 46 23.26 34.16 -12.32
N GLU C 47 23.76 33.57 -13.40
CA GLU C 47 23.07 32.52 -14.15
C GLU C 47 23.94 31.26 -14.20
N LEU C 48 23.31 30.10 -14.39
CA LEU C 48 24.07 28.88 -14.64
C LEU C 48 24.69 28.95 -16.01
N VAL C 49 25.95 28.50 -16.09
CA VAL C 49 26.65 28.28 -17.35
C VAL C 49 26.63 26.78 -17.64
N ALA C 50 27.20 26.01 -16.72
CA ALA C 50 27.26 24.56 -16.86
C ALA C 50 27.47 23.86 -15.52
N ALA C 51 27.14 22.58 -15.49
CA ALA C 51 27.18 21.79 -14.25
C ALA C 51 27.27 20.30 -14.53
N ILE C 52 28.03 19.61 -13.70
CA ILE C 52 28.25 18.17 -13.86
C ILE C 52 28.14 17.43 -12.53
N HIS C 53 27.26 16.42 -12.50
CA HIS C 53 27.02 15.58 -11.34
C HIS C 53 28.16 14.57 -11.17
N SER C 54 28.30 14.00 -9.97
CA SER C 54 29.28 12.93 -9.72
C SER C 54 29.04 11.72 -10.64
N GLY C 55 27.78 11.35 -10.78
CA GLY C 55 27.31 10.37 -11.77
C GLY C 55 27.86 10.61 -13.16
N GLY C 56 27.81 11.86 -13.63
CA GLY C 56 28.37 12.25 -14.93
C GLY C 56 27.39 12.95 -15.86
N THR C 57 26.11 13.01 -15.48
CA THR C 57 25.12 13.81 -16.19
C THR C 57 25.51 15.30 -16.17
N THR C 58 25.13 16.01 -17.23
CA THR C 58 25.54 17.41 -17.42
C THR C 58 24.37 18.28 -17.88
N ASN C 59 24.39 19.54 -17.46
CA ASN C 59 23.34 20.50 -17.78
C ASN C 59 24.01 21.81 -18.15
N TYR C 60 23.74 22.30 -19.36
CA TYR C 60 24.29 23.56 -19.88
C TYR C 60 23.18 24.57 -20.09
N ALA C 61 23.53 25.86 -19.97
CA ALA C 61 22.60 26.93 -20.31
C ALA C 61 22.58 27.09 -21.83
N ASN C 62 21.44 27.53 -22.36
CA ASN C 62 21.22 27.61 -23.82
C ASN C 62 22.32 28.37 -24.57
N SER C 63 22.64 29.57 -24.08
CA SER C 63 23.67 30.42 -24.69
C SER C 63 24.97 29.69 -25.01
N VAL C 64 25.46 28.89 -24.06
CA VAL C 64 26.75 28.21 -24.19
C VAL C 64 26.68 26.76 -24.66
N LYS C 65 25.52 26.31 -25.16
CA LYS C 65 25.37 24.93 -25.65
C LYS C 65 26.14 24.75 -26.96
N GLY C 66 26.85 23.63 -27.07
CA GLY C 66 27.66 23.32 -28.25
C GLY C 66 29.06 23.92 -28.25
N ARG C 67 29.27 25.01 -27.50
CA ARG C 67 30.55 25.71 -27.44
C ARG C 67 31.37 25.27 -26.23
N PHE C 68 30.75 25.28 -25.05
CA PHE C 68 31.42 24.97 -23.78
C PHE C 68 31.30 23.49 -23.45
N THR C 69 32.24 22.98 -22.67
CA THR C 69 32.24 21.56 -22.25
C THR C 69 32.70 21.45 -20.80
N ILE C 70 31.76 21.05 -19.94
CA ILE C 70 32.05 20.86 -18.53
C ILE C 70 32.39 19.38 -18.33
N SER C 71 33.58 19.15 -17.79
CA SER C 71 34.10 17.84 -17.56
C SER C 71 34.66 17.91 -16.16
N ARG C 72 34.89 16.77 -15.56
CA ARG C 72 35.52 16.76 -14.24
C ARG C 72 36.61 15.73 -14.18
N ASP C 73 37.56 15.98 -13.28
CA ASP C 73 38.62 15.03 -12.98
C ASP C 73 37.96 13.85 -12.26
N ASN C 74 38.01 12.69 -12.91
CA ASN C 74 37.58 11.42 -12.31
C ASN C 74 38.27 11.09 -10.97
N ALA C 75 39.56 11.43 -10.87
CA ALA C 75 40.35 11.20 -9.65
C ALA C 75 39.98 12.20 -8.54
N ALA C 76 40.42 13.46 -8.70
CA ALA C 76 40.29 14.49 -7.67
C ALA C 76 38.90 15.16 -7.68
N ASN C 77 38.73 16.15 -6.79
CA ASN C 77 37.56 17.04 -6.82
C ASN C 77 37.96 18.32 -7.57
N THR C 78 38.03 18.20 -8.91
CA THR C 78 38.36 19.31 -9.82
C THR C 78 37.45 19.29 -11.06
N VAL C 79 36.97 20.46 -11.46
CA VAL C 79 36.03 20.59 -12.59
C VAL C 79 36.59 21.61 -13.57
N TYR C 80 36.40 21.33 -14.86
CA TYR C 80 36.96 22.10 -15.96
C TYR C 80 35.84 22.57 -16.89
N LEU C 81 35.81 23.85 -17.20
CA LEU C 81 34.91 24.38 -18.24
C LEU C 81 35.73 24.81 -19.45
N GLN C 82 35.76 23.95 -20.48
CA GLN C 82 36.46 24.25 -21.73
C GLN C 82 35.60 25.19 -22.59
N MET C 83 35.93 26.48 -22.57
CA MET C 83 35.17 27.50 -23.29
C MET C 83 35.77 27.78 -24.67
N ASN C 84 35.04 27.41 -25.73
CA ASN C 84 35.47 27.65 -27.11
C ASN C 84 34.51 28.63 -27.80
N SER C 85 34.99 29.23 -28.90
CA SER C 85 34.19 30.13 -29.77
C SER C 85 33.59 31.34 -29.02
N LEU C 86 34.40 31.91 -28.12
CA LEU C 86 33.96 32.94 -27.19
C LEU C 86 33.44 34.20 -27.87
N LYS C 87 32.52 34.88 -27.19
CA LYS C 87 31.88 36.10 -27.68
C LYS C 87 31.94 37.14 -26.57
N PRO C 88 31.84 38.44 -26.91
CA PRO C 88 31.88 39.47 -25.86
C PRO C 88 30.77 39.41 -24.79
N GLU C 89 29.64 38.76 -25.11
CA GLU C 89 28.55 38.57 -24.14
C GLU C 89 28.92 37.57 -23.04
N ASP C 90 29.86 36.67 -23.33
CA ASP C 90 30.35 35.71 -22.32
C ASP C 90 31.19 36.38 -21.22
N THR C 91 31.64 37.61 -21.45
CA THR C 91 32.37 38.38 -20.45
C THR C 91 31.57 38.48 -19.15
N ALA C 92 32.17 37.98 -18.07
CA ALA C 92 31.56 37.96 -16.75
C ALA C 92 32.57 37.50 -15.69
N VAL C 93 32.18 37.63 -14.43
CA VAL C 93 32.87 36.97 -13.34
C VAL C 93 32.29 35.55 -13.28
N TYR C 94 33.13 34.53 -13.45
CA TYR C 94 32.70 33.15 -13.39
C TYR C 94 32.97 32.59 -12.00
N TYR C 95 31.93 32.04 -11.37
CA TYR C 95 32.01 31.45 -10.03
C TYR C 95 31.89 29.93 -10.07
N CYS C 96 32.84 29.26 -9.43
CA CYS C 96 32.76 27.82 -9.21
C CYS C 96 31.77 27.55 -8.10
N ASN C 97 31.09 26.41 -8.18
CA ASN C 97 30.05 26.04 -7.19
C ASN C 97 30.06 24.54 -6.95
N VAL C 98 29.90 24.14 -5.69
CA VAL C 98 29.67 22.74 -5.33
C VAL C 98 28.36 22.66 -4.55
N LYS C 99 27.42 21.84 -5.05
CA LYS C 99 26.22 21.43 -4.31
C LYS C 99 26.56 20.10 -3.65
N ASP C 100 26.63 20.10 -2.32
CA ASP C 100 27.00 18.90 -1.55
C ASP C 100 25.77 18.24 -0.93
N PHE C 101 25.50 16.99 -1.31
CA PHE C 101 24.30 16.26 -0.87
C PHE C 101 24.44 15.43 0.41
N GLY C 102 25.49 15.67 1.19
CA GLY C 102 25.81 14.86 2.37
C GLY C 102 24.80 14.87 3.51
N ALA C 103 23.96 15.89 3.59
CA ALA C 103 22.88 15.92 4.60
C ALA C 103 21.67 15.06 4.20
N ILE C 104 21.55 14.74 2.91
CA ILE C 104 20.44 13.94 2.34
C ILE C 104 19.16 14.74 2.16
N ILE C 105 18.62 15.32 3.22
CA ILE C 105 17.32 16.01 3.14
C ILE C 105 17.47 17.38 2.46
N TYR C 106 18.60 18.03 2.73
CA TYR C 106 18.95 19.31 2.11
C TYR C 106 20.35 19.25 1.50
N ASP C 107 20.72 20.29 0.79
CA ASP C 107 22.03 20.36 0.17
C ASP C 107 22.76 21.61 0.63
N TYR C 108 24.04 21.46 0.92
CA TYR C 108 24.89 22.54 1.40
C TYR C 108 25.74 23.06 0.23
N ASP C 109 25.82 24.39 0.10
CA ASP C 109 26.52 25.04 -1.02
C ASP C 109 27.91 25.56 -0.65
N TYR C 110 28.80 25.56 -1.63
CA TYR C 110 30.09 26.20 -1.55
C TYR C 110 30.28 27.07 -2.79
N TRP C 111 30.80 28.27 -2.62
CA TRP C 111 31.07 29.17 -3.75
C TRP C 111 32.51 29.67 -3.73
N GLY C 112 33.16 29.63 -4.89
CA GLY C 112 34.48 30.21 -5.07
C GLY C 112 34.39 31.73 -5.09
N GLN C 113 35.52 32.38 -4.84
CA GLN C 113 35.60 33.86 -4.84
C GLN C 113 35.15 34.50 -6.15
N GLY C 114 35.44 33.83 -7.26
CA GLY C 114 35.08 34.27 -8.61
C GLY C 114 36.34 34.60 -9.37
N THR C 115 36.31 34.43 -10.68
CA THR C 115 37.46 34.75 -11.52
C THR C 115 36.99 35.43 -12.80
N GLN C 116 37.73 36.45 -13.23
CA GLN C 116 37.27 37.33 -14.30
C GLN C 116 37.61 36.72 -15.66
N VAL C 117 36.61 36.71 -16.53
CA VAL C 117 36.80 36.35 -17.93
C VAL C 117 36.32 37.56 -18.73
N THR C 118 37.18 38.09 -19.60
CA THR C 118 36.83 39.24 -20.45
C THR C 118 37.13 38.90 -21.91
N VAL C 119 36.11 38.92 -22.75
CA VAL C 119 36.25 38.61 -24.17
C VAL C 119 36.11 39.92 -24.96
N SER C 120 37.23 40.39 -25.51
CA SER C 120 37.23 41.56 -26.41
C SER C 120 36.85 41.13 -27.82
N SER C 121 36.31 42.07 -28.60
CA SER C 121 35.84 41.80 -29.96
C SER C 121 37.00 41.63 -30.93
N ASP D 2 14.63 22.15 -22.26
CA ASP D 2 14.69 20.68 -22.02
C ASP D 2 13.82 19.88 -23.02
N LYS D 3 12.50 20.02 -22.90
CA LYS D 3 11.52 19.39 -23.82
C LYS D 3 11.09 20.32 -24.98
N ILE D 4 11.53 21.58 -24.90
CA ILE D 4 11.27 22.59 -25.93
C ILE D 4 12.30 22.47 -27.05
N ILE D 5 11.81 22.54 -28.30
CA ILE D 5 12.66 22.62 -29.49
C ILE D 5 13.08 24.08 -29.63
N HIS D 6 14.38 24.32 -29.80
CA HIS D 6 14.90 25.68 -29.94
C HIS D 6 15.22 25.97 -31.40
N LEU D 7 14.28 26.65 -32.06
CA LEU D 7 14.21 26.73 -33.53
C LEU D 7 15.25 27.65 -34.16
N THR D 8 15.38 27.51 -35.49
CA THR D 8 16.13 28.44 -36.34
C THR D 8 15.35 28.66 -37.65
N ASP D 9 15.82 29.60 -38.48
CA ASP D 9 15.23 29.84 -39.81
C ASP D 9 15.33 28.63 -40.74
N ASP D 10 16.48 27.94 -40.70
CA ASP D 10 16.72 26.76 -41.54
C ASP D 10 15.89 25.57 -41.09
N SER D 11 15.95 25.26 -39.79
CA SER D 11 15.26 24.10 -39.23
C SER D 11 13.76 24.31 -38.94
N PHE D 12 13.19 25.49 -39.29
CA PHE D 12 11.75 25.75 -39.09
C PHE D 12 10.86 24.84 -39.92
N ASP D 13 11.29 24.52 -41.15
CA ASP D 13 10.53 23.64 -42.04
C ASP D 13 10.46 22.20 -41.51
N THR D 14 11.57 21.71 -40.95
CA THR D 14 11.62 20.36 -40.36
C THR D 14 10.94 20.30 -38.98
N ASP D 15 11.24 21.28 -38.13
CA ASP D 15 10.77 21.29 -36.73
C ASP D 15 9.30 21.66 -36.55
N VAL D 16 8.71 22.38 -37.51
CA VAL D 16 7.32 22.86 -37.42
C VAL D 16 6.44 22.45 -38.61
N LEU D 17 6.90 22.74 -39.83
CA LEU D 17 6.11 22.49 -41.04
C LEU D 17 6.01 21.01 -41.42
N LYS D 18 7.10 20.27 -41.22
CA LYS D 18 7.15 18.81 -41.42
C LYS D 18 6.80 17.99 -40.17
N ALA D 19 6.75 18.64 -39.00
CA ALA D 19 6.60 17.91 -37.72
C ALA D 19 5.19 17.35 -37.55
N ASP D 20 5.12 16.10 -37.08
CA ASP D 20 3.84 15.43 -36.88
C ASP D 20 3.16 15.95 -35.63
N GLY D 21 1.86 16.16 -35.70
CA GLY D 21 1.06 16.60 -34.56
C GLY D 21 1.22 18.09 -34.29
N ALA D 22 0.72 18.50 -33.12
CA ALA D 22 0.61 19.93 -32.77
C ALA D 22 1.96 20.52 -32.34
N ILE D 23 2.29 21.69 -32.90
CA ILE D 23 3.48 22.47 -32.51
C ILE D 23 3.02 23.84 -32.05
N LEU D 24 3.34 24.21 -30.81
CA LEU D 24 3.06 25.56 -30.29
C LEU D 24 4.31 26.43 -30.42
N VAL D 25 4.39 27.20 -31.50
CA VAL D 25 5.53 28.09 -31.77
C VAL D 25 5.40 29.36 -30.94
N ASP D 26 6.53 29.83 -30.39
CA ASP D 26 6.61 31.08 -29.61
C ASP D 26 7.60 32.04 -30.28
N PHE D 27 7.07 33.09 -30.92
CA PHE D 27 7.91 34.15 -31.47
C PHE D 27 8.20 35.18 -30.39
N TRP D 28 9.48 35.30 -30.03
CA TRP D 28 9.91 36.12 -28.89
C TRP D 28 11.23 36.85 -29.17
N ALA D 29 11.59 37.76 -28.27
CA ALA D 29 12.87 38.46 -28.31
C ALA D 29 13.37 38.69 -26.89
N GLU D 30 14.68 38.88 -26.74
CA GLU D 30 15.29 39.13 -25.42
C GLU D 30 14.88 40.48 -24.84
N TRP D 31 14.78 41.49 -25.71
CA TRP D 31 14.32 42.84 -25.34
C TRP D 31 12.85 42.95 -24.92
N SER D 32 12.01 42.00 -25.35
CA SER D 32 10.58 42.03 -25.00
C SER D 32 10.34 41.55 -23.57
N GLY D 33 9.85 42.44 -22.72
CA GLY D 33 9.46 42.11 -21.35
C GLY D 33 8.31 41.10 -21.27
N PRO D 34 7.25 41.30 -22.07
CA PRO D 34 6.15 40.33 -22.15
C PRO D 34 6.51 38.92 -22.66
N SER D 35 7.56 38.79 -23.47
CA SER D 35 8.02 37.49 -23.98
C SER D 35 8.60 36.58 -22.91
N LYS D 36 9.43 37.15 -22.03
CA LYS D 36 10.04 36.42 -20.92
C LYS D 36 9.05 36.14 -19.77
N MET D 37 7.94 36.89 -19.72
CA MET D 37 6.87 36.66 -18.73
C MET D 37 6.13 35.33 -18.93
N ILE D 38 6.03 34.87 -20.18
CA ILE D 38 5.45 33.55 -20.51
C ILE D 38 6.48 32.43 -20.69
N ALA D 39 7.77 32.77 -20.76
CA ALA D 39 8.86 31.79 -20.86
C ALA D 39 8.85 30.65 -19.80
N PRO D 40 8.67 31.00 -18.49
CA PRO D 40 8.55 29.93 -17.49
C PRO D 40 7.23 29.14 -17.56
N ILE D 41 6.17 29.78 -18.04
CA ILE D 41 4.86 29.12 -18.21
C ILE D 41 4.91 28.09 -19.36
N LEU D 42 5.65 28.40 -20.42
CA LEU D 42 5.85 27.45 -21.53
C LEU D 42 6.66 26.20 -21.15
N ASP D 43 7.53 26.31 -20.13
CA ASP D 43 8.26 25.15 -19.59
C ASP D 43 7.31 24.18 -18.89
N GLU D 44 6.36 24.71 -18.14
CA GLU D 44 5.36 23.91 -17.44
C GLU D 44 4.34 23.29 -18.41
N ILE D 45 3.97 24.06 -19.45
CA ILE D 45 3.07 23.59 -20.52
C ILE D 45 3.73 22.51 -21.40
N ALA D 46 5.05 22.58 -21.58
CA ALA D 46 5.79 21.52 -22.28
C ALA D 46 5.72 20.16 -21.57
N ASP D 47 5.71 20.19 -20.23
CA ASP D 47 5.55 18.98 -19.41
C ASP D 47 4.11 18.48 -19.41
N GLU D 48 3.19 19.37 -19.06
CA GLU D 48 1.78 19.03 -18.85
C GLU D 48 1.00 18.66 -20.12
N TYR D 49 1.54 19.00 -21.30
CA TYR D 49 0.95 18.59 -22.58
C TYR D 49 1.92 17.72 -23.41
N GLN D 50 2.64 16.80 -22.76
CA GLN D 50 3.44 15.79 -23.48
C GLN D 50 2.50 14.84 -24.21
N GLY D 51 2.78 14.59 -25.49
CA GLY D 51 1.92 13.75 -26.34
C GLY D 51 0.89 14.56 -27.13
N LYS D 52 0.19 15.46 -26.43
CA LYS D 52 -0.81 16.36 -27.06
C LYS D 52 -0.18 17.43 -27.96
N LEU D 53 0.92 18.05 -27.51
CA LEU D 53 1.66 19.04 -28.31
C LEU D 53 3.16 19.09 -27.96
N THR D 54 3.92 19.78 -28.81
CA THR D 54 5.34 20.04 -28.59
C THR D 54 5.57 21.54 -28.65
N VAL D 55 6.19 22.10 -27.61
CA VAL D 55 6.46 23.54 -27.56
C VAL D 55 7.74 23.84 -28.35
N ALA D 56 7.71 24.89 -29.16
CA ALA D 56 8.87 25.36 -29.91
C ALA D 56 9.05 26.86 -29.70
N LYS D 57 10.30 27.33 -29.71
CA LYS D 57 10.61 28.75 -29.50
C LYS D 57 11.56 29.25 -30.59
N LEU D 58 11.24 30.40 -31.17
CA LEU D 58 12.07 31.04 -32.19
C LEU D 58 12.37 32.48 -31.78
N ASN D 59 13.63 32.77 -31.49
CA ASN D 59 14.08 34.12 -31.16
C ASN D 59 14.17 34.95 -32.45
N ILE D 60 13.31 35.96 -32.59
CA ILE D 60 13.18 36.72 -33.86
C ILE D 60 14.32 37.73 -34.16
N ASP D 61 15.22 37.95 -33.21
CA ASP D 61 16.45 38.73 -33.48
C ASP D 61 17.50 37.86 -34.14
N GLN D 62 17.74 36.67 -33.57
CA GLN D 62 18.64 35.67 -34.17
C GLN D 62 18.07 35.02 -35.43
N ASN D 63 16.75 34.99 -35.55
CA ASN D 63 16.05 34.36 -36.69
C ASN D 63 14.97 35.32 -37.27
N PRO D 64 15.41 36.39 -37.95
CA PRO D 64 14.47 37.41 -38.46
C PRO D 64 13.62 37.00 -39.67
N GLY D 65 14.04 35.99 -40.42
CA GLY D 65 13.39 35.61 -41.67
C GLY D 65 12.03 34.91 -41.59
N THR D 66 11.75 34.26 -40.45
CA THR D 66 10.51 33.46 -40.29
C THR D 66 9.28 34.28 -39.90
N ALA D 67 9.47 35.30 -39.05
CA ALA D 67 8.36 36.08 -38.48
C ALA D 67 7.48 36.87 -39.47
N PRO D 68 8.07 37.51 -40.50
CA PRO D 68 7.28 38.22 -41.52
C PRO D 68 6.25 37.36 -42.29
N LYS D 69 6.55 36.08 -42.48
CA LYS D 69 5.72 35.19 -43.31
C LYS D 69 4.30 34.94 -42.78
N TYR D 70 4.12 35.00 -41.46
CA TYR D 70 2.81 34.79 -40.82
C TYR D 70 2.20 36.06 -40.27
N GLY D 71 2.82 37.22 -40.55
CA GLY D 71 2.27 38.52 -40.18
C GLY D 71 2.35 38.83 -38.69
N ILE D 72 3.53 38.60 -38.11
CA ILE D 72 3.75 38.85 -36.69
C ILE D 72 4.01 40.35 -36.48
N ARG D 73 3.06 41.01 -35.82
CA ARG D 73 3.09 42.46 -35.59
C ARG D 73 3.67 42.80 -34.22
N GLY D 74 3.11 42.19 -33.18
CA GLY D 74 3.60 42.31 -31.80
C GLY D 74 4.12 40.98 -31.28
N ILE D 75 4.68 41.00 -30.06
CA ILE D 75 5.21 39.78 -29.41
C ILE D 75 4.92 39.81 -27.89
N PRO D 76 4.76 38.65 -27.23
CA PRO D 76 4.90 37.30 -27.82
C PRO D 76 3.66 36.80 -28.54
N THR D 77 3.87 36.09 -29.64
CA THR D 77 2.77 35.50 -30.43
C THR D 77 2.91 33.98 -30.42
N LEU D 78 1.88 33.31 -29.90
CA LEU D 78 1.82 31.85 -29.87
C LEU D 78 0.98 31.30 -31.03
N LEU D 79 1.66 30.81 -32.07
CA LEU D 79 1.01 30.19 -33.24
C LEU D 79 0.98 28.67 -33.10
N LEU D 80 -0.22 28.11 -33.06
CA LEU D 80 -0.42 26.66 -32.92
C LEU D 80 -0.52 26.01 -34.30
N PHE D 81 0.53 25.29 -34.70
CA PHE D 81 0.56 24.59 -35.99
C PHE D 81 0.02 23.17 -35.84
N LYS D 82 -0.84 22.77 -36.77
CA LYS D 82 -1.41 21.40 -36.82
C LYS D 82 -1.13 20.76 -38.18
N ASN D 83 -0.09 19.93 -38.23
CA ASN D 83 0.35 19.23 -39.44
C ASN D 83 0.75 20.18 -40.58
N GLY D 84 1.60 21.15 -40.24
CA GLY D 84 2.13 22.13 -41.20
C GLY D 84 1.19 23.27 -41.58
N GLU D 85 0.14 23.48 -40.80
CA GLU D 85 -0.91 24.47 -41.09
C GLU D 85 -1.29 25.21 -39.80
N VAL D 86 -1.44 26.54 -39.89
CA VAL D 86 -1.77 27.36 -38.72
C VAL D 86 -3.27 27.22 -38.39
N ALA D 87 -3.57 26.73 -37.18
CA ALA D 87 -4.96 26.52 -36.73
C ALA D 87 -5.45 27.71 -35.91
N ALA D 88 -4.75 28.00 -34.81
CA ALA D 88 -5.11 29.06 -33.86
C ALA D 88 -4.00 30.09 -33.68
N THR D 89 -4.36 31.24 -33.12
CA THR D 89 -3.42 32.35 -32.90
C THR D 89 -3.75 33.07 -31.59
N LYS D 90 -2.71 33.48 -30.85
CA LYS D 90 -2.88 34.36 -29.70
C LYS D 90 -1.63 35.23 -29.53
N VAL D 91 -1.84 36.53 -29.34
CA VAL D 91 -0.75 37.51 -29.19
C VAL D 91 -0.84 38.14 -27.79
N GLY D 92 0.33 38.44 -27.22
CA GLY D 92 0.43 39.07 -25.91
C GLY D 92 0.72 38.10 -24.79
N ALA D 93 1.08 38.65 -23.63
CA ALA D 93 1.35 37.85 -22.43
C ALA D 93 0.05 37.44 -21.75
N LEU D 94 0.09 36.29 -21.07
CA LEU D 94 -1.06 35.75 -20.35
C LEU D 94 -0.61 34.80 -19.25
N SER D 95 -1.48 34.56 -18.26
CA SER D 95 -1.20 33.63 -17.16
C SER D 95 -1.34 32.16 -17.61
N LYS D 96 -1.00 31.24 -16.71
CA LYS D 96 -1.04 29.80 -17.00
C LYS D 96 -2.46 29.31 -17.33
N GLY D 97 -3.44 29.73 -16.52
CA GLY D 97 -4.84 29.37 -16.73
C GLY D 97 -5.43 29.86 -18.04
N GLN D 98 -5.03 31.05 -18.46
CA GLN D 98 -5.47 31.62 -19.74
C GLN D 98 -4.90 30.87 -20.96
N LEU D 99 -3.66 30.40 -20.85
CA LEU D 99 -3.04 29.59 -21.90
C LEU D 99 -3.61 28.16 -21.95
N LYS D 100 -3.91 27.59 -20.78
CA LYS D 100 -4.58 26.28 -20.72
C LYS D 100 -5.97 26.30 -21.37
N GLU D 101 -6.71 27.39 -21.16
CA GLU D 101 -8.03 27.60 -21.81
C GLU D 101 -7.89 27.68 -23.34
N PHE D 102 -6.82 28.33 -23.81
CA PHE D 102 -6.50 28.43 -25.23
C PHE D 102 -6.13 27.05 -25.83
N LEU D 103 -5.29 26.30 -25.13
CA LEU D 103 -4.81 25.00 -25.63
C LEU D 103 -5.85 23.88 -25.58
N ASP D 104 -6.60 23.80 -24.48
CA ASP D 104 -7.66 22.77 -24.32
C ASP D 104 -8.80 22.94 -25.32
N ALA D 105 -9.15 24.20 -25.62
CA ALA D 105 -10.16 24.52 -26.63
C ALA D 105 -9.72 24.15 -28.07
N ASN D 106 -8.46 24.45 -28.40
CA ASN D 106 -7.93 24.23 -29.76
C ASN D 106 -7.44 22.81 -30.06
N LEU D 107 -7.18 21.99 -29.03
CA LEU D 107 -6.59 20.65 -29.24
C LEU D 107 -7.60 19.51 -29.45
N ALA D 108 -8.79 19.62 -28.86
CA ALA D 108 -9.76 18.49 -28.86
C ALA D 108 -10.44 18.24 -30.20
N ALA E 3 -9.88 10.49 -29.10
CA ALA E 3 -8.83 10.50 -28.03
C ALA E 3 -9.29 11.11 -26.70
N LYS E 4 -10.32 11.95 -26.73
CA LYS E 4 -10.95 12.50 -25.51
C LYS E 4 -11.87 11.46 -24.85
N VAL E 5 -12.60 10.72 -25.68
CA VAL E 5 -13.50 9.65 -25.22
C VAL E 5 -12.71 8.42 -24.76
N MET E 6 -11.65 8.07 -25.51
CA MET E 6 -10.74 6.97 -25.17
C MET E 6 -10.10 7.17 -23.79
N SER E 7 -9.64 8.38 -23.51
CA SER E 7 -9.04 8.72 -22.21
C SER E 7 -10.04 8.61 -21.04
N LEU E 8 -11.26 9.07 -21.27
CA LEU E 8 -12.36 8.96 -20.29
C LEU E 8 -12.79 7.50 -20.05
N LEU E 9 -12.73 6.68 -21.09
CA LEU E 9 -13.13 5.26 -21.01
C LEU E 9 -12.17 4.45 -20.15
N MET E 10 -10.87 4.69 -20.30
CA MET E 10 -9.82 4.09 -19.45
C MET E 10 -9.99 4.41 -17.95
N ALA E 11 -10.52 5.59 -17.65
CA ALA E 11 -10.68 6.05 -16.26
C ALA E 11 -11.70 5.23 -15.47
N LEU E 12 -12.89 5.00 -16.03
CA LEU E 12 -13.92 4.20 -15.35
C LEU E 12 -13.57 2.70 -15.29
N VAL E 13 -12.75 2.23 -16.24
CA VAL E 13 -12.22 0.85 -16.22
C VAL E 13 -11.40 0.63 -14.96
N VAL E 14 -10.52 1.57 -14.64
CA VAL E 14 -9.76 1.52 -13.39
C VAL E 14 -10.68 1.65 -12.17
N LEU E 15 -11.70 2.51 -12.28
CA LEU E 15 -12.69 2.69 -11.21
C LEU E 15 -13.49 1.41 -10.96
N LEU E 16 -14.04 0.83 -12.02
CA LEU E 16 -14.79 -0.44 -11.94
C LEU E 16 -13.94 -1.57 -11.35
N ILE E 17 -12.70 -1.70 -11.81
CA ILE E 17 -11.79 -2.72 -11.28
C ILE E 17 -11.55 -2.55 -9.78
N VAL E 18 -11.09 -1.36 -9.37
CA VAL E 18 -10.73 -1.16 -7.96
C VAL E 18 -11.99 -1.23 -7.09
N ALA E 19 -13.07 -0.61 -7.55
CA ALA E 19 -14.32 -0.62 -6.78
C ALA E 19 -14.80 -2.04 -6.52
N GLY E 20 -15.09 -2.77 -7.59
CA GLY E 20 -15.58 -4.14 -7.50
C GLY E 20 -14.75 -5.01 -6.58
N ASN E 21 -13.46 -5.11 -6.85
CA ASN E 21 -12.55 -6.00 -6.11
C ASN E 21 -12.32 -5.57 -4.67
N VAL E 22 -12.29 -4.26 -4.40
CA VAL E 22 -12.28 -3.76 -3.02
C VAL E 22 -13.56 -4.18 -2.29
N LEU E 23 -14.69 -4.06 -2.98
CA LEU E 23 -15.98 -4.42 -2.41
C LEU E 23 -16.06 -5.89 -2.05
N VAL E 24 -15.47 -6.74 -2.90
CA VAL E 24 -15.46 -8.20 -2.70
C VAL E 24 -14.62 -8.58 -1.49
N ILE E 25 -13.39 -8.09 -1.47
CA ILE E 25 -12.46 -8.38 -0.38
C ILE E 25 -13.05 -7.87 0.95
N ALA E 26 -13.63 -6.67 0.90
CA ALA E 26 -14.30 -6.09 2.06
C ALA E 26 -15.43 -6.98 2.55
N ALA E 27 -16.28 -7.40 1.60
CA ALA E 27 -17.43 -8.23 1.91
C ALA E 27 -17.00 -9.55 2.56
N ILE E 28 -16.02 -10.21 1.96
CA ILE E 28 -15.53 -11.49 2.46
C ILE E 28 -14.87 -11.34 3.83
N GLY E 29 -14.00 -10.36 3.96
CA GLY E 29 -13.31 -10.12 5.23
C GLY E 29 -14.24 -9.73 6.37
N SER E 30 -15.27 -8.96 6.05
CA SER E 30 -16.18 -8.37 7.04
C SER E 30 -17.34 -9.28 7.47
N THR E 31 -17.69 -10.25 6.63
CA THR E 31 -18.82 -11.16 6.88
C THR E 31 -18.30 -12.57 7.25
N GLN E 32 -18.70 -13.05 8.42
CA GLN E 32 -18.33 -14.40 8.89
C GLN E 32 -18.89 -15.46 7.94
N ARG E 33 -20.12 -15.22 7.47
CA ARG E 33 -20.83 -16.14 6.58
C ARG E 33 -20.18 -16.30 5.17
N LEU E 34 -19.42 -15.30 4.73
CA LEU E 34 -18.79 -15.34 3.40
C LEU E 34 -17.44 -16.05 3.38
N GLN E 35 -16.87 -16.35 4.54
CA GLN E 35 -15.52 -16.93 4.60
C GLN E 35 -15.56 -18.44 4.35
N THR E 36 -16.04 -18.84 3.17
CA THR E 36 -16.12 -20.25 2.79
C THR E 36 -14.83 -20.65 2.09
N LEU E 37 -14.72 -21.93 1.76
CA LEU E 37 -13.56 -22.48 1.04
C LEU E 37 -13.44 -21.85 -0.35
N THR E 38 -14.54 -21.85 -1.11
CA THR E 38 -14.56 -21.29 -2.46
C THR E 38 -14.25 -19.80 -2.45
N ASN E 39 -14.84 -19.05 -1.52
CA ASN E 39 -14.56 -17.61 -1.42
C ASN E 39 -13.12 -17.28 -0.99
N LEU E 40 -12.42 -18.26 -0.42
CA LEU E 40 -10.98 -18.16 -0.23
C LEU E 40 -10.23 -18.05 -1.57
N PHE E 41 -10.61 -18.85 -2.55
CA PHE E 41 -10.08 -18.74 -3.92
C PHE E 41 -10.56 -17.48 -4.63
N ILE E 42 -11.81 -17.05 -4.35
CA ILE E 42 -12.33 -15.78 -4.88
C ILE E 42 -11.52 -14.60 -4.32
N THR E 43 -11.06 -14.73 -3.08
CA THR E 43 -10.23 -13.71 -2.45
C THR E 43 -8.87 -13.58 -3.14
N SER E 44 -8.26 -14.70 -3.51
CA SER E 44 -7.01 -14.68 -4.31
C SER E 44 -7.22 -13.93 -5.63
N LEU E 45 -8.30 -14.28 -6.33
CA LEU E 45 -8.66 -13.67 -7.62
C LEU E 45 -8.81 -12.16 -7.48
N ALA E 46 -9.58 -11.74 -6.48
CA ALA E 46 -9.85 -10.34 -6.24
C ALA E 46 -8.59 -9.54 -5.92
N CYS E 47 -7.70 -10.14 -5.14
CA CYS E 47 -6.40 -9.54 -4.89
C CYS E 47 -5.67 -9.27 -6.21
N ALA E 48 -5.62 -10.27 -7.09
CA ALA E 48 -4.91 -10.13 -8.36
C ALA E 48 -5.49 -8.98 -9.18
N ASP E 49 -6.80 -9.02 -9.36
CA ASP E 49 -7.49 -8.03 -10.18
C ASP E 49 -7.41 -6.62 -9.57
N LEU E 50 -7.39 -6.55 -8.24
CA LEU E 50 -7.22 -5.27 -7.55
C LEU E 50 -5.87 -4.65 -7.87
N VAL E 51 -4.79 -5.42 -7.77
CA VAL E 51 -3.44 -4.91 -8.11
C VAL E 51 -3.37 -4.48 -9.58
N VAL E 52 -4.12 -5.16 -10.44
CA VAL E 52 -4.24 -4.76 -11.84
C VAL E 52 -4.80 -3.33 -11.93
N GLY E 53 -5.91 -3.08 -11.24
CA GLY E 53 -6.54 -1.76 -11.21
C GLY E 53 -5.76 -0.64 -10.53
N LEU E 54 -5.03 -0.96 -9.47
CA LEU E 54 -4.24 0.04 -8.77
C LEU E 54 -2.98 0.43 -9.52
N LEU E 55 -2.10 -0.52 -9.81
CA LEU E 55 -0.77 -0.21 -10.38
C LEU E 55 -0.65 -0.50 -11.87
N VAL E 56 -1.17 -1.65 -12.31
CA VAL E 56 -0.93 -2.12 -13.67
C VAL E 56 -1.62 -1.27 -14.73
N VAL E 57 -2.95 -1.14 -14.63
CA VAL E 57 -3.72 -0.46 -15.68
C VAL E 57 -3.44 1.04 -15.74
N PRO E 58 -3.34 1.73 -14.57
CA PRO E 58 -3.02 3.18 -14.59
C PRO E 58 -1.73 3.57 -15.32
N PHE E 59 -0.65 2.84 -15.09
CA PHE E 59 0.61 3.08 -15.78
C PHE E 59 0.43 2.75 -17.27
N GLY E 60 -0.33 1.70 -17.57
CA GLY E 60 -0.69 1.38 -18.95
C GLY E 60 -1.55 2.44 -19.65
N ALA E 61 -2.37 3.15 -18.88
CA ALA E 61 -3.16 4.27 -19.40
C ALA E 61 -2.27 5.43 -19.84
N THR E 62 -1.29 5.77 -19.00
CA THR E 62 -0.37 6.88 -19.28
C THR E 62 0.41 6.63 -20.57
N LEU E 63 1.10 5.49 -20.61
CA LEU E 63 1.89 5.08 -21.77
C LEU E 63 1.14 5.17 -23.12
N VAL E 64 -0.18 4.99 -23.11
CA VAL E 64 -1.00 5.22 -24.31
C VAL E 64 -1.27 6.70 -24.54
N VAL E 65 -1.65 7.42 -23.48
CA VAL E 65 -2.01 8.85 -23.57
C VAL E 65 -0.83 9.76 -23.91
N ARG E 66 0.28 9.58 -23.20
CA ARG E 66 1.50 10.35 -23.47
C ARG E 66 2.23 9.88 -24.74
N GLY E 67 2.08 8.60 -25.08
CA GLY E 67 2.81 8.00 -26.20
C GLY E 67 4.21 7.50 -25.86
N THR E 68 4.60 7.56 -24.57
CA THR E 68 5.93 7.14 -24.13
C THR E 68 6.01 6.88 -22.61
N TRP E 69 7.04 6.11 -22.23
CA TRP E 69 7.27 5.71 -20.84
C TRP E 69 8.06 6.76 -20.08
N LEU E 70 7.42 7.39 -19.10
CA LEU E 70 7.97 8.54 -18.39
C LEU E 70 8.77 8.19 -17.12
N TRP E 71 8.91 6.89 -16.80
CA TRP E 71 9.45 6.46 -15.50
C TRP E 71 10.66 5.51 -15.55
N GLY E 72 11.33 5.46 -16.69
CA GLY E 72 12.64 4.81 -16.79
C GLY E 72 12.62 3.31 -16.91
N SER E 73 13.77 2.74 -17.29
CA SER E 73 13.87 1.34 -17.64
C SER E 73 13.63 0.37 -16.49
N PHE E 74 13.94 0.78 -15.25
CA PHE E 74 13.72 -0.08 -14.08
C PHE E 74 12.23 -0.31 -13.85
N LEU E 75 11.48 0.78 -13.74
CA LEU E 75 10.04 0.69 -13.55
C LEU E 75 9.31 0.14 -14.76
N CYS E 76 9.83 0.30 -15.97
CA CYS E 76 9.25 -0.37 -17.12
C CYS E 76 9.27 -1.86 -16.87
N GLU E 77 10.44 -2.39 -16.55
CA GLU E 77 10.60 -3.83 -16.28
C GLU E 77 9.71 -4.31 -15.14
N LEU E 78 9.79 -3.57 -14.03
CA LEU E 78 9.07 -3.93 -12.80
C LEU E 78 7.55 -3.84 -12.95
N TRP E 79 7.07 -2.86 -13.73
CA TRP E 79 5.65 -2.76 -14.08
C TRP E 79 5.22 -3.88 -15.00
N THR E 80 6.06 -4.17 -16.00
CA THR E 80 5.82 -5.29 -16.92
C THR E 80 5.77 -6.63 -16.15
N SER E 81 6.69 -6.81 -15.21
CA SER E 81 6.71 -7.98 -14.37
C SER E 81 5.49 -8.10 -13.44
N LEU E 82 5.06 -6.97 -12.89
CA LEU E 82 3.86 -6.94 -12.07
C LEU E 82 2.60 -7.17 -12.91
N ASP E 83 2.60 -6.68 -14.14
CA ASP E 83 1.49 -6.91 -15.07
C ASP E 83 1.33 -8.38 -15.36
N VAL E 84 2.42 -9.02 -15.79
CA VAL E 84 2.39 -10.44 -16.17
C VAL E 84 2.05 -11.32 -14.96
N LEU E 85 2.68 -11.03 -13.81
CA LEU E 85 2.39 -11.73 -12.55
C LEU E 85 0.91 -11.73 -12.19
N CYS E 86 0.30 -10.55 -12.16
CA CYS E 86 -1.10 -10.43 -11.73
C CYS E 86 -2.08 -11.05 -12.75
N VAL E 87 -1.84 -10.84 -14.04
CA VAL E 87 -2.63 -11.47 -15.07
C VAL E 87 -2.47 -12.98 -15.01
N THR E 88 -1.25 -13.46 -14.82
CA THR E 88 -1.05 -14.90 -14.65
C THR E 88 -1.85 -15.43 -13.45
N ALA E 89 -1.77 -14.73 -12.32
CA ALA E 89 -2.48 -15.14 -11.09
C ALA E 89 -3.99 -15.07 -11.21
N SER E 90 -4.49 -14.05 -11.89
CA SER E 90 -5.93 -13.96 -12.16
C SER E 90 -6.39 -15.20 -12.92
N ILE E 91 -5.78 -15.44 -14.08
CA ILE E 91 -6.24 -16.47 -15.01
C ILE E 91 -6.09 -17.87 -14.39
N GLU E 92 -4.98 -18.10 -13.70
CA GLU E 92 -4.75 -19.36 -13.02
C GLU E 92 -5.69 -19.57 -11.83
N THR E 93 -6.03 -18.51 -11.11
CA THR E 93 -7.00 -18.62 -10.01
C THR E 93 -8.42 -18.89 -10.56
N LEU E 94 -8.79 -18.26 -11.69
CA LEU E 94 -10.05 -18.58 -12.39
C LEU E 94 -10.18 -20.08 -12.66
N CYS E 95 -9.05 -20.64 -13.08
CA CYS E 95 -8.91 -22.06 -13.36
C CYS E 95 -9.03 -22.95 -12.11
N VAL E 96 -8.47 -22.51 -10.98
CA VAL E 96 -8.60 -23.22 -9.70
C VAL E 96 -10.06 -23.26 -9.24
N ILE E 97 -10.75 -22.13 -9.37
CA ILE E 97 -12.17 -22.01 -9.01
C ILE E 97 -13.03 -22.98 -9.83
N ALA E 98 -12.82 -23.06 -11.15
CA ALA E 98 -13.53 -24.03 -11.99
C ALA E 98 -13.41 -25.46 -11.45
N ILE E 99 -12.19 -25.83 -11.07
CA ILE E 99 -11.90 -27.14 -10.45
C ILE E 99 -12.64 -27.30 -9.13
N ASP E 100 -12.49 -26.30 -8.26
CA ASP E 100 -13.14 -26.27 -6.95
C ASP E 100 -14.65 -26.48 -7.05
N ARG E 101 -15.31 -25.76 -7.97
CA ARG E 101 -16.77 -25.92 -8.18
C ARG E 101 -17.13 -27.23 -8.83
N TYR E 102 -16.31 -27.70 -9.76
CA TYR E 102 -16.52 -29.01 -10.35
C TYR E 102 -16.55 -30.09 -9.24
N LEU E 103 -15.53 -30.11 -8.39
CA LEU E 103 -15.49 -31.08 -7.30
C LEU E 103 -16.60 -30.88 -6.26
N ALA E 104 -16.90 -29.62 -5.96
CA ALA E 104 -17.95 -29.29 -4.98
C ALA E 104 -19.38 -29.65 -5.45
N ILE E 105 -19.58 -29.73 -6.76
CA ILE E 105 -20.87 -30.09 -7.36
C ILE E 105 -20.97 -31.59 -7.68
N THR E 106 -19.93 -32.16 -8.30
CA THR E 106 -19.98 -33.57 -8.75
C THR E 106 -19.66 -34.56 -7.65
N SER E 107 -18.76 -34.20 -6.73
CA SER E 107 -18.27 -35.13 -5.71
C SER E 107 -18.23 -34.44 -4.34
N PRO E 108 -19.37 -33.89 -3.90
CA PRO E 108 -19.41 -32.94 -2.78
C PRO E 108 -18.88 -33.46 -1.44
N PHE E 109 -19.08 -34.74 -1.15
CA PHE E 109 -18.71 -35.32 0.16
C PHE E 109 -17.23 -35.66 0.21
N ARG E 110 -16.75 -36.28 -0.85
CA ARG E 110 -15.33 -36.55 -1.07
C ARG E 110 -14.53 -35.24 -1.00
N TYR E 111 -15.02 -34.24 -1.71
CA TYR E 111 -14.36 -32.93 -1.78
C TYR E 111 -14.16 -32.25 -0.42
N GLN E 112 -15.10 -32.42 0.51
CA GLN E 112 -15.01 -31.78 1.83
C GLN E 112 -13.86 -32.29 2.68
N SER E 113 -13.63 -33.60 2.64
CA SER E 113 -12.48 -34.22 3.32
C SER E 113 -11.19 -34.00 2.53
N LEU E 114 -11.27 -34.18 1.20
CA LEU E 114 -10.14 -33.98 0.30
C LEU E 114 -9.57 -32.56 0.40
N MET E 115 -10.42 -31.55 0.22
CA MET E 115 -10.00 -30.16 0.24
C MET E 115 -10.22 -29.53 1.60
N THR E 116 -9.13 -29.28 2.33
CA THR E 116 -9.19 -28.56 3.59
C THR E 116 -8.83 -27.10 3.32
N ARG E 117 -8.95 -26.28 4.37
CA ARG E 117 -8.62 -24.86 4.29
C ARG E 117 -7.11 -24.69 4.10
N ALA E 118 -6.33 -25.44 4.86
CA ALA E 118 -4.88 -25.46 4.72
C ALA E 118 -4.41 -25.92 3.33
N ARG E 119 -5.10 -26.90 2.74
CA ARG E 119 -4.76 -27.37 1.40
C ARG E 119 -5.04 -26.28 0.37
N ALA E 120 -6.16 -25.57 0.54
CA ALA E 120 -6.49 -24.44 -0.32
C ALA E 120 -5.45 -23.32 -0.24
N LYS E 121 -4.96 -23.03 0.97
CA LYS E 121 -3.92 -22.00 1.19
C LYS E 121 -2.64 -22.32 0.42
N VAL E 122 -2.25 -23.58 0.44
CA VAL E 122 -1.10 -24.05 -0.31
C VAL E 122 -1.34 -23.87 -1.82
N ILE E 123 -2.54 -24.22 -2.30
CA ILE E 123 -2.90 -24.04 -3.72
C ILE E 123 -2.79 -22.56 -4.12
N ILE E 124 -3.28 -21.66 -3.27
CA ILE E 124 -3.21 -20.22 -3.55
C ILE E 124 -1.74 -19.78 -3.66
N CYS E 125 -0.93 -20.20 -2.69
CA CYS E 125 0.49 -19.86 -2.68
C CYS E 125 1.26 -20.43 -3.87
N THR E 126 0.91 -21.66 -4.27
CA THR E 126 1.41 -22.24 -5.53
C THR E 126 1.16 -21.32 -6.73
N VAL E 127 -0.08 -20.83 -6.86
CA VAL E 127 -0.49 -20.04 -8.03
C VAL E 127 0.29 -18.74 -8.11
N TRP E 128 0.44 -18.05 -6.98
CA TRP E 128 1.25 -16.84 -6.93
C TRP E 128 2.74 -17.14 -7.18
N ALA E 129 3.24 -18.24 -6.63
CA ALA E 129 4.62 -18.67 -6.89
C ALA E 129 4.86 -18.95 -8.37
N ILE E 130 3.95 -19.68 -9.00
CA ILE E 130 4.03 -19.92 -10.45
C ILE E 130 3.97 -18.60 -11.22
N SER E 131 3.00 -17.77 -10.87
CA SER E 131 2.83 -16.45 -11.50
C SER E 131 4.08 -15.59 -11.42
N ALA E 132 4.73 -15.61 -10.25
CA ALA E 132 6.01 -14.94 -10.05
C ALA E 132 7.09 -15.47 -10.98
N LEU E 133 7.25 -16.78 -11.02
CA LEU E 133 8.29 -17.43 -11.83
C LEU E 133 8.06 -17.36 -13.33
N VAL E 134 6.83 -17.13 -13.77
CA VAL E 134 6.54 -16.86 -15.18
C VAL E 134 6.86 -15.40 -15.53
N SER E 135 6.67 -14.51 -14.56
CA SER E 135 6.76 -13.06 -14.77
C SER E 135 8.09 -12.44 -14.32
N PHE E 136 8.26 -12.27 -13.00
CA PHE E 136 9.41 -11.55 -12.47
C PHE E 136 10.73 -12.22 -12.84
N LEU E 137 10.84 -13.51 -12.57
CA LEU E 137 12.09 -14.22 -12.82
C LEU E 137 12.61 -14.07 -14.27
N PRO E 138 11.78 -14.39 -15.29
CA PRO E 138 12.29 -14.20 -16.66
C PRO E 138 12.42 -12.73 -17.07
N ILE E 139 11.47 -11.89 -16.66
CA ILE E 139 11.46 -10.49 -17.10
C ILE E 139 12.64 -9.70 -16.50
N MET E 140 12.81 -9.78 -15.18
CA MET E 140 13.90 -9.06 -14.49
C MET E 140 15.30 -9.62 -14.83
N MET E 141 15.38 -10.93 -15.13
CA MET E 141 16.64 -11.54 -15.60
C MET E 141 16.83 -11.49 -17.12
N HIS E 142 15.95 -10.80 -17.84
CA HIS E 142 16.09 -10.55 -19.28
C HIS E 142 16.05 -11.82 -20.17
N TRP E 143 15.38 -12.87 -19.71
CA TRP E 143 15.27 -14.11 -20.52
C TRP E 143 14.26 -13.93 -21.65
N TRP E 144 13.34 -13.01 -21.46
CA TRP E 144 12.40 -12.57 -22.50
C TRP E 144 12.99 -11.91 -23.75
N ARG E 145 14.16 -11.28 -23.60
CA ARG E 145 14.71 -10.36 -24.62
C ARG E 145 14.89 -10.95 -26.02
N ASP E 146 14.56 -10.16 -27.03
CA ASP E 146 14.80 -10.48 -28.45
C ASP E 146 16.22 -10.04 -28.81
N GLU E 147 16.83 -10.73 -29.78
CA GLU E 147 18.18 -10.40 -30.27
C GLU E 147 18.16 -9.23 -31.26
N ASP E 148 17.08 -9.13 -32.06
CA ASP E 148 16.85 -8.05 -33.04
C ASP E 148 17.43 -6.68 -32.62
N PRO E 149 18.14 -5.98 -33.54
CA PRO E 149 18.66 -4.65 -33.20
C PRO E 149 17.58 -3.57 -32.99
N GLN E 150 16.50 -3.63 -33.76
CA GLN E 150 15.36 -2.69 -33.60
C GLN E 150 14.62 -2.88 -32.28
N ALA E 151 14.49 -4.13 -31.85
CA ALA E 151 14.00 -4.47 -30.52
C ALA E 151 14.98 -4.01 -29.44
N LEU E 152 16.27 -4.19 -29.70
CA LEU E 152 17.35 -3.74 -28.79
C LEU E 152 17.48 -2.21 -28.67
N LYS E 153 16.95 -1.47 -29.66
CA LYS E 153 16.83 -0.01 -29.55
C LYS E 153 15.78 0.42 -28.50
N CYS E 154 14.70 -0.36 -28.36
CA CYS E 154 13.69 -0.14 -27.33
C CYS E 154 14.19 -0.45 -25.92
N TYR E 155 15.02 -1.49 -25.81
CA TYR E 155 15.60 -1.88 -24.53
C TYR E 155 16.60 -0.83 -24.04
N GLN E 156 17.34 -0.22 -24.97
CA GLN E 156 18.27 0.88 -24.67
C GLN E 156 17.57 2.21 -24.37
N ASP E 157 16.52 2.53 -25.14
CA ASP E 157 15.67 3.72 -24.91
C ASP E 157 14.81 3.52 -23.64
N PRO E 158 14.98 4.40 -22.62
CA PRO E 158 14.07 4.35 -21.44
C PRO E 158 12.62 4.83 -21.71
N GLY E 159 12.44 5.64 -22.75
CA GLY E 159 11.11 6.07 -23.21
C GLY E 159 10.29 5.00 -23.90
N CYS E 160 10.96 3.97 -24.42
CA CYS E 160 10.28 2.84 -25.02
C CYS E 160 10.08 1.75 -23.98
N CYS E 161 8.82 1.35 -23.78
CA CYS E 161 8.45 0.25 -22.89
C CYS E 161 7.47 -0.68 -23.61
N ASP E 162 7.86 -1.10 -24.82
CA ASP E 162 7.17 -2.18 -25.54
C ASP E 162 7.63 -3.53 -24.99
N PHE E 163 6.74 -4.50 -25.00
CA PHE E 163 7.03 -5.86 -24.55
C PHE E 163 7.24 -6.76 -25.76
N VAL E 164 8.42 -6.62 -26.35
CA VAL E 164 8.84 -7.45 -27.47
C VAL E 164 9.67 -8.60 -26.88
N THR E 165 9.20 -9.83 -27.09
CA THR E 165 9.81 -11.02 -26.50
C THR E 165 10.40 -11.90 -27.59
N ASN E 166 11.29 -12.81 -27.21
CA ASN E 166 11.76 -13.85 -28.13
C ASN E 166 10.64 -14.87 -28.45
N ARG E 167 10.90 -15.77 -29.38
CA ARG E 167 9.92 -16.80 -29.75
C ARG E 167 9.57 -17.69 -28.55
N ALA E 168 10.61 -18.19 -27.86
CA ALA E 168 10.44 -19.17 -26.79
C ALA E 168 9.62 -18.65 -25.61
N TYR E 169 9.94 -17.46 -25.12
CA TYR E 169 9.19 -16.86 -24.01
C TYR E 169 7.73 -16.68 -24.38
N ALA E 170 7.48 -16.05 -25.53
CA ALA E 170 6.12 -15.73 -25.98
C ALA E 170 5.22 -16.95 -26.05
N ILE E 171 5.77 -18.08 -26.47
CA ILE E 171 5.01 -19.33 -26.58
C ILE E 171 4.80 -19.97 -25.20
N ALA E 172 5.89 -20.16 -24.46
CA ALA E 172 5.85 -20.79 -23.14
C ALA E 172 5.02 -20.00 -22.11
N SER E 173 5.27 -18.69 -22.02
CA SER E 173 4.54 -17.82 -21.10
C SER E 173 3.05 -17.73 -21.44
N SER E 174 2.72 -17.69 -22.74
CA SER E 174 1.32 -17.62 -23.18
C SER E 174 0.58 -18.94 -22.90
N ILE E 175 1.26 -20.05 -23.12
CA ILE E 175 0.73 -21.37 -22.76
C ILE E 175 0.47 -21.50 -21.26
N ILE E 176 1.51 -21.23 -20.46
CA ILE E 176 1.42 -21.40 -19.01
C ILE E 176 0.37 -20.47 -18.38
N SER E 177 0.38 -19.20 -18.79
CA SER E 177 -0.49 -18.20 -18.15
C SER E 177 -1.91 -18.22 -18.69
N PHE E 178 -2.11 -18.59 -19.97
CA PHE E 178 -3.46 -18.54 -20.61
C PHE E 178 -4.01 -19.86 -21.19
N TYR E 179 -3.27 -20.49 -22.10
CA TYR E 179 -3.83 -21.63 -22.86
C TYR E 179 -4.09 -22.87 -22.01
N ILE E 180 -3.14 -23.25 -21.16
CA ILE E 180 -3.34 -24.38 -20.23
C ILE E 180 -4.52 -24.14 -19.27
N PRO E 181 -4.58 -22.96 -18.62
CA PRO E 181 -5.79 -22.61 -17.87
C PRO E 181 -7.08 -22.64 -18.68
N LEU E 182 -7.06 -22.13 -19.91
CA LEU E 182 -8.25 -22.19 -20.77
C LEU E 182 -8.69 -23.61 -21.05
N LEU E 183 -7.75 -24.51 -21.34
CA LEU E 183 -8.10 -25.90 -21.59
C LEU E 183 -8.68 -26.54 -20.33
N ILE E 184 -7.99 -26.37 -19.21
CA ILE E 184 -8.45 -26.94 -17.93
C ILE E 184 -9.88 -26.46 -17.63
N MET E 185 -10.13 -25.17 -17.78
CA MET E 185 -11.46 -24.62 -17.57
C MET E 185 -12.50 -25.23 -18.51
N ILE E 186 -12.14 -25.45 -19.79
CA ILE E 186 -13.05 -26.08 -20.74
C ILE E 186 -13.33 -27.52 -20.34
N PHE E 187 -12.27 -28.30 -20.18
CA PHE E 187 -12.37 -29.70 -19.74
C PHE E 187 -13.23 -29.86 -18.48
N VAL E 188 -12.83 -29.13 -17.44
CA VAL E 188 -13.47 -29.19 -16.12
C VAL E 188 -14.95 -28.84 -16.20
N TYR E 189 -15.26 -27.66 -16.76
CA TYR E 189 -16.64 -27.20 -16.86
C TYR E 189 -17.47 -28.01 -17.85
N LEU E 190 -16.82 -28.71 -18.79
CA LEU E 190 -17.56 -29.59 -19.71
C LEU E 190 -18.03 -30.87 -19.01
N ARG E 191 -17.22 -31.38 -18.08
CA ARG E 191 -17.67 -32.50 -17.21
C ARG E 191 -18.85 -32.09 -16.32
N VAL E 192 -18.91 -30.84 -15.89
CA VAL E 192 -20.10 -30.32 -15.17
C VAL E 192 -21.33 -30.38 -16.08
N TYR E 193 -21.20 -29.95 -17.33
CA TYR E 193 -22.30 -30.06 -18.29
C TYR E 193 -22.69 -31.53 -18.52
N ARG E 194 -21.69 -32.37 -18.78
CA ARG E 194 -21.92 -33.80 -19.03
C ARG E 194 -22.52 -34.52 -17.82
N GLU E 195 -22.10 -34.14 -16.62
CA GLU E 195 -22.62 -34.76 -15.40
C GLU E 195 -24.11 -34.44 -15.24
N ALA E 196 -24.46 -33.17 -15.44
CA ALA E 196 -25.84 -32.70 -15.35
C ALA E 196 -26.73 -33.32 -16.42
N LYS E 197 -26.22 -33.44 -17.65
CA LYS E 197 -27.01 -34.03 -18.75
C LYS E 197 -27.18 -35.54 -18.59
N GLU E 198 -26.15 -36.25 -18.12
CA GLU E 198 -26.28 -37.67 -17.80
C GLU E 198 -27.24 -37.92 -16.64
N GLN E 199 -27.30 -36.99 -15.68
CA GLN E 199 -28.23 -37.10 -14.57
C GLN E 199 -29.68 -36.86 -15.01
N ILE E 200 -29.90 -35.93 -15.95
CA ILE E 200 -31.23 -35.74 -16.56
C ILE E 200 -31.67 -36.96 -17.38
N ARG E 201 -30.72 -37.67 -18.00
CA ARG E 201 -31.02 -38.92 -18.70
C ARG E 201 -31.55 -39.98 -17.72
N LYS E 202 -30.90 -40.13 -16.56
CA LYS E 202 -31.33 -41.11 -15.56
C LYS E 202 -32.73 -40.87 -14.99
N ILE E 203 -33.17 -39.60 -14.97
CA ILE E 203 -34.55 -39.25 -14.56
C ILE E 203 -35.57 -39.72 -15.60
N MET E 215 -35.67 -28.87 -20.17
CA MET E 215 -34.96 -27.83 -19.43
C MET E 215 -35.91 -26.91 -18.68
N ALA E 216 -35.82 -26.95 -17.36
CA ALA E 216 -36.59 -26.06 -16.47
C ALA E 216 -35.84 -24.72 -16.26
N MET E 217 -36.37 -23.88 -15.39
CA MET E 217 -35.77 -22.59 -15.03
C MET E 217 -34.31 -22.75 -14.58
N LYS E 218 -34.08 -23.68 -13.66
CA LYS E 218 -32.74 -23.94 -13.11
C LYS E 218 -31.69 -24.36 -14.15
N GLU E 219 -32.11 -25.14 -15.14
CA GLU E 219 -31.18 -25.63 -16.17
C GLU E 219 -30.79 -24.53 -17.18
N HIS E 220 -31.76 -23.72 -17.60
CA HIS E 220 -31.48 -22.59 -18.50
C HIS E 220 -30.50 -21.59 -17.88
N LYS E 221 -30.71 -21.28 -16.60
CA LYS E 221 -29.84 -20.35 -15.88
C LYS E 221 -28.43 -20.92 -15.68
N ALA E 222 -28.33 -22.20 -15.31
CA ALA E 222 -27.05 -22.87 -15.13
C ALA E 222 -26.21 -22.85 -16.38
N LEU E 223 -26.86 -23.08 -17.52
CA LEU E 223 -26.20 -23.12 -18.81
C LEU E 223 -25.84 -21.70 -19.30
N LYS E 224 -26.65 -20.71 -18.93
CA LYS E 224 -26.30 -19.30 -19.14
C LYS E 224 -25.07 -18.91 -18.31
N THR E 225 -25.10 -19.23 -17.02
CA THR E 225 -23.99 -18.97 -16.08
C THR E 225 -22.70 -19.64 -16.51
N LEU E 226 -22.79 -20.92 -16.81
CA LEU E 226 -21.67 -21.68 -17.34
C LEU E 226 -21.14 -21.09 -18.65
N GLY E 227 -22.04 -20.49 -19.43
CA GLY E 227 -21.67 -19.73 -20.62
C GLY E 227 -20.94 -18.44 -20.34
N ILE E 228 -21.49 -17.60 -19.46
CA ILE E 228 -20.89 -16.31 -19.07
C ILE E 228 -19.44 -16.47 -18.64
N ILE E 229 -19.18 -17.52 -17.85
CA ILE E 229 -17.85 -17.79 -17.29
C ILE E 229 -16.84 -18.00 -18.41
N MET E 230 -17.09 -19.02 -19.24
CA MET E 230 -16.22 -19.33 -20.36
C MET E 230 -16.26 -18.25 -21.43
N GLY E 231 -17.41 -17.60 -21.59
CA GLY E 231 -17.59 -16.55 -22.58
C GLY E 231 -16.76 -15.32 -22.32
N VAL E 232 -16.95 -14.72 -21.15
CA VAL E 232 -16.27 -13.47 -20.80
C VAL E 232 -14.76 -13.69 -20.67
N PHE E 233 -14.35 -14.77 -20.02
CA PHE E 233 -12.92 -15.11 -19.90
C PHE E 233 -12.27 -15.24 -21.27
N THR E 234 -12.91 -15.97 -22.18
CA THR E 234 -12.36 -16.20 -23.52
C THR E 234 -12.40 -14.92 -24.37
N LEU E 235 -13.56 -14.28 -24.45
CA LEU E 235 -13.66 -12.96 -25.08
C LEU E 235 -12.54 -12.02 -24.62
N CYS E 236 -12.31 -11.94 -23.31
CA CYS E 236 -11.37 -10.94 -22.78
C CYS E 236 -9.89 -11.22 -23.05
N TRP E 237 -9.46 -12.48 -22.95
CA TRP E 237 -8.04 -12.83 -23.09
C TRP E 237 -7.64 -13.63 -24.33
N LEU E 238 -8.58 -14.31 -25.00
CA LEU E 238 -8.24 -15.05 -26.22
C LEU E 238 -7.67 -14.15 -27.34
N PRO E 239 -8.29 -12.98 -27.60
CA PRO E 239 -7.76 -12.08 -28.64
C PRO E 239 -6.30 -11.69 -28.42
N PHE E 240 -5.99 -11.18 -27.23
CA PHE E 240 -4.62 -10.76 -26.88
C PHE E 240 -3.60 -11.91 -26.95
N PHE E 241 -3.94 -13.05 -26.38
CA PHE E 241 -3.05 -14.23 -26.34
C PHE E 241 -2.99 -14.99 -27.66
N LEU E 242 -4.01 -14.83 -28.50
CA LEU E 242 -3.98 -15.37 -29.87
C LEU E 242 -2.96 -14.57 -30.69
N VAL E 243 -3.09 -13.24 -30.63
CA VAL E 243 -2.19 -12.31 -31.32
C VAL E 243 -0.76 -12.40 -30.77
N ASN E 244 -0.65 -12.63 -29.47
CA ASN E 244 0.65 -12.82 -28.80
C ASN E 244 1.50 -13.92 -29.47
N ILE E 245 0.86 -15.01 -29.93
CA ILE E 245 1.54 -16.10 -30.64
C ILE E 245 1.75 -15.76 -32.13
N VAL E 246 0.79 -15.04 -32.71
CA VAL E 246 0.86 -14.61 -34.12
C VAL E 246 2.15 -13.83 -34.43
N ASN E 247 2.48 -12.86 -33.58
CA ASN E 247 3.64 -11.98 -33.80
C ASN E 247 4.99 -12.68 -33.69
N VAL E 248 5.02 -13.84 -33.01
CA VAL E 248 6.20 -14.72 -32.98
C VAL E 248 6.60 -15.19 -34.39
N PHE E 249 5.61 -15.54 -35.20
CA PHE E 249 5.87 -15.98 -36.57
C PHE E 249 6.04 -14.80 -37.51
N ASN E 250 4.94 -14.12 -37.84
CA ASN E 250 4.92 -13.04 -38.85
C ASN E 250 4.45 -11.73 -38.23
N ARG E 251 5.41 -10.94 -37.72
CA ARG E 251 5.12 -9.79 -36.86
C ARG E 251 4.27 -8.69 -37.53
N ASP E 252 4.40 -8.52 -38.85
CA ASP E 252 3.74 -7.42 -39.56
C ASP E 252 2.21 -7.56 -39.72
N LEU E 253 1.68 -8.79 -39.63
CA LEU E 253 0.25 -9.04 -39.86
C LEU E 253 -0.68 -8.20 -38.98
N VAL E 254 -0.44 -8.22 -37.66
CA VAL E 254 -1.31 -7.53 -36.71
C VAL E 254 -0.65 -6.22 -36.26
N PRO E 255 -1.39 -5.09 -36.30
CA PRO E 255 -0.78 -3.81 -35.94
C PRO E 255 -0.59 -3.63 -34.44
N ASP E 256 0.21 -2.63 -34.06
CA ASP E 256 0.48 -2.32 -32.64
C ASP E 256 -0.75 -1.83 -31.90
N TRP E 257 -1.54 -0.95 -32.52
CA TRP E 257 -2.74 -0.40 -31.87
C TRP E 257 -3.76 -1.49 -31.47
N LEU E 258 -3.93 -2.50 -32.33
CA LEU E 258 -4.87 -3.62 -32.09
C LEU E 258 -4.37 -4.55 -30.98
N PHE E 259 -3.07 -4.82 -31.02
CA PHE E 259 -2.39 -5.59 -29.97
C PHE E 259 -2.60 -4.94 -28.59
N VAL E 260 -2.46 -3.62 -28.52
CA VAL E 260 -2.72 -2.90 -27.27
C VAL E 260 -4.23 -2.82 -26.97
N ALA E 261 -5.05 -2.63 -27.99
CA ALA E 261 -6.52 -2.65 -27.82
C ALA E 261 -7.04 -3.95 -27.21
N PHE E 262 -6.48 -5.08 -27.68
CA PHE E 262 -6.81 -6.40 -27.10
C PHE E 262 -6.29 -6.61 -25.67
N ASN E 263 -5.18 -5.96 -25.32
CA ASN E 263 -4.67 -5.99 -23.94
C ASN E 263 -5.57 -5.21 -22.97
N TRP E 264 -6.26 -4.18 -23.46
CA TRP E 264 -7.24 -3.45 -22.65
C TRP E 264 -8.50 -4.27 -22.43
N LEU E 265 -8.85 -5.10 -23.42
CA LEU E 265 -9.94 -6.05 -23.29
C LEU E 265 -9.66 -7.07 -22.17
N GLY E 266 -8.41 -7.53 -22.08
CA GLY E 266 -7.96 -8.38 -20.99
C GLY E 266 -7.99 -7.71 -19.62
N TYR E 267 -7.62 -6.42 -19.58
CA TYR E 267 -7.75 -5.64 -18.36
C TYR E 267 -9.21 -5.52 -17.94
N ALA E 268 -10.12 -5.51 -18.92
CA ALA E 268 -11.57 -5.47 -18.64
C ALA E 268 -12.07 -6.70 -17.87
N ASN E 269 -11.48 -7.85 -18.14
CA ASN E 269 -11.78 -9.08 -17.39
C ASN E 269 -11.73 -8.84 -15.88
N SER E 270 -10.68 -8.18 -15.41
CA SER E 270 -10.47 -7.91 -13.98
C SER E 270 -11.61 -7.14 -13.32
N ALA E 271 -12.35 -6.36 -14.12
CA ALA E 271 -13.58 -5.70 -13.67
C ALA E 271 -14.79 -6.63 -13.69
N MET E 272 -14.83 -7.54 -14.66
CA MET E 272 -15.94 -8.51 -14.79
C MET E 272 -15.99 -9.60 -13.70
N ASN E 273 -14.83 -10.02 -13.21
CA ASN E 273 -14.73 -11.15 -12.27
C ASN E 273 -15.53 -10.96 -10.96
N PRO E 274 -15.49 -9.78 -10.35
CA PRO E 274 -16.44 -9.50 -9.25
C PRO E 274 -17.90 -9.77 -9.61
N ILE E 275 -18.30 -9.38 -10.82
CA ILE E 275 -19.68 -9.53 -11.27
C ILE E 275 -20.06 -10.99 -11.48
N ILE E 276 -19.15 -11.77 -12.08
CA ILE E 276 -19.40 -13.18 -12.39
C ILE E 276 -19.43 -14.02 -11.13
N TYR E 277 -18.37 -13.90 -10.34
CA TYR E 277 -18.08 -14.86 -9.29
C TYR E 277 -18.60 -14.51 -7.87
N CYS E 278 -19.32 -13.39 -7.71
CA CYS E 278 -19.80 -12.97 -6.37
C CYS E 278 -21.28 -12.59 -6.33
N ARG E 279 -22.13 -13.42 -6.93
CA ARG E 279 -23.57 -13.15 -6.99
C ARG E 279 -24.38 -13.83 -5.87
N SER E 280 -23.72 -14.58 -4.99
CA SER E 280 -24.44 -15.33 -3.95
C SER E 280 -25.26 -14.40 -3.04
N PRO E 281 -26.36 -14.90 -2.47
CA PRO E 281 -27.21 -14.04 -1.65
C PRO E 281 -26.48 -13.47 -0.43
N ASP E 282 -25.54 -14.24 0.13
CA ASP E 282 -24.66 -13.73 1.18
C ASP E 282 -23.77 -12.57 0.68
N PHE E 283 -23.26 -12.67 -0.56
CA PHE E 283 -22.53 -11.57 -1.18
C PHE E 283 -23.43 -10.34 -1.37
N ARG E 284 -24.63 -10.57 -1.90
CA ARG E 284 -25.57 -9.48 -2.16
C ARG E 284 -25.93 -8.74 -0.88
N LYS E 285 -26.20 -9.48 0.19
CA LYS E 285 -26.47 -8.89 1.50
C LYS E 285 -25.28 -8.06 2.01
N ALA E 286 -24.09 -8.64 1.90
CA ALA E 286 -22.85 -7.98 2.33
C ALA E 286 -22.66 -6.68 1.55
N PHE E 287 -22.81 -6.74 0.23
CA PHE E 287 -22.60 -5.56 -0.61
C PHE E 287 -23.53 -4.39 -0.23
N LYS E 288 -24.78 -4.69 0.09
CA LYS E 288 -25.73 -3.65 0.54
C LYS E 288 -25.36 -3.10 1.91
N ARG E 289 -24.95 -3.99 2.82
CA ARG E 289 -24.47 -3.59 4.14
C ARG E 289 -23.22 -2.72 4.08
N LEU E 290 -22.32 -3.01 3.14
CA LEU E 290 -21.11 -2.20 2.94
C LEU E 290 -21.41 -0.82 2.35
N LEU E 291 -22.45 -0.73 1.52
CA LEU E 291 -22.89 0.53 0.93
C LEU E 291 -24.13 1.07 1.69
N ALA E 292 -24.10 0.99 3.03
CA ALA E 292 -25.28 1.27 3.87
C ALA E 292 -25.51 2.77 4.10
N PHE E 293 -24.65 3.40 4.90
CA PHE E 293 -24.85 4.79 5.30
C PHE E 293 -24.57 5.74 4.12
N SER F 1 -44.12 -22.57 -9.27
CA SER F 1 -43.16 -21.42 -9.18
C SER F 1 -42.04 -21.68 -8.17
N GLN F 2 -42.39 -21.63 -6.89
CA GLN F 2 -41.41 -21.76 -5.80
C GLN F 2 -41.04 -23.23 -5.56
N VAL F 3 -39.85 -23.45 -4.99
CA VAL F 3 -39.43 -24.77 -4.51
C VAL F 3 -39.87 -24.90 -3.06
N GLN F 4 -40.65 -25.94 -2.76
CA GLN F 4 -41.10 -26.22 -1.39
C GLN F 4 -40.85 -27.66 -0.98
N LEU F 5 -40.50 -27.82 0.29
CA LEU F 5 -40.14 -29.12 0.87
C LEU F 5 -41.20 -29.58 1.85
N GLN F 6 -41.87 -30.70 1.54
CA GLN F 6 -43.02 -31.18 2.31
C GLN F 6 -42.63 -32.40 3.16
N GLU F 7 -42.48 -32.19 4.46
CA GLU F 7 -41.99 -33.24 5.37
C GLU F 7 -43.13 -34.04 5.99
N SER F 8 -42.89 -35.33 6.14
CA SER F 8 -43.87 -36.25 6.71
C SER F 8 -43.15 -37.45 7.32
N GLY F 9 -43.91 -38.25 8.07
CA GLY F 9 -43.44 -39.55 8.54
C GLY F 9 -42.89 -39.60 9.95
N GLY F 10 -42.83 -38.45 10.61
CA GLY F 10 -42.36 -38.38 11.98
C GLY F 10 -43.49 -38.54 12.98
N GLY F 11 -43.12 -38.43 14.26
CA GLY F 11 -44.09 -38.41 15.37
C GLY F 11 -43.58 -39.06 16.62
N LEU F 12 -44.51 -39.51 17.47
CA LEU F 12 -44.17 -40.26 18.68
C LEU F 12 -43.90 -41.71 18.30
N VAL F 13 -42.95 -42.33 19.00
CA VAL F 13 -42.64 -43.74 18.80
C VAL F 13 -41.87 -44.30 20.01
N GLN F 14 -42.09 -45.59 20.28
CA GLN F 14 -41.42 -46.30 21.37
C GLN F 14 -39.94 -46.51 21.03
N ALA F 15 -39.07 -46.47 22.06
CA ALA F 15 -37.64 -46.75 21.88
C ALA F 15 -37.40 -48.16 21.31
N GLY F 16 -36.28 -48.31 20.62
CA GLY F 16 -36.00 -49.51 19.84
C GLY F 16 -36.89 -49.68 18.62
N GLY F 17 -37.62 -48.62 18.25
CA GLY F 17 -38.62 -48.68 17.19
C GLY F 17 -38.10 -48.21 15.85
N SER F 18 -39.02 -47.75 15.00
CA SER F 18 -38.72 -47.37 13.62
C SER F 18 -39.64 -46.24 13.13
N LEU F 19 -39.09 -45.39 12.26
CA LEU F 19 -39.86 -44.37 11.54
C LEU F 19 -39.32 -44.23 10.12
N ARG F 20 -40.08 -43.59 9.25
CA ARG F 20 -39.65 -43.36 7.87
C ARG F 20 -40.02 -41.97 7.39
N LEU F 21 -39.10 -41.03 7.59
CA LEU F 21 -39.27 -39.66 7.15
C LEU F 21 -39.26 -39.61 5.63
N SER F 22 -39.98 -38.62 5.09
CA SER F 22 -40.10 -38.42 3.65
C SER F 22 -40.25 -36.93 3.36
N CYS F 23 -39.38 -36.41 2.51
CA CYS F 23 -39.42 -35.03 2.11
C CYS F 23 -39.59 -34.95 0.60
N ALA F 24 -40.76 -34.49 0.15
CA ALA F 24 -41.05 -34.30 -1.28
C ALA F 24 -40.82 -32.85 -1.66
N ALA F 25 -39.84 -32.63 -2.54
CA ALA F 25 -39.48 -31.30 -3.00
C ALA F 25 -40.22 -30.95 -4.29
N SER F 26 -41.32 -30.19 -4.15
CA SER F 26 -42.11 -29.74 -5.28
C SER F 26 -41.55 -28.40 -5.77
N GLY F 27 -41.19 -28.35 -7.06
CA GLY F 27 -40.63 -27.15 -7.69
C GLY F 27 -39.39 -27.46 -8.50
N SER F 28 -38.89 -26.44 -9.21
CA SER F 28 -37.74 -26.59 -10.11
C SER F 28 -36.42 -26.67 -9.34
N ILE F 29 -35.77 -27.84 -9.42
CA ILE F 29 -34.43 -28.06 -8.86
C ILE F 29 -33.47 -28.44 -9.99
N PHE F 30 -32.23 -27.97 -9.87
CA PHE F 30 -31.17 -28.31 -10.83
C PHE F 30 -30.80 -29.77 -10.64
N ALA F 31 -30.50 -30.44 -11.75
CA ALA F 31 -30.20 -31.89 -11.75
C ALA F 31 -29.12 -32.30 -10.74
N LEU F 32 -28.10 -31.49 -10.60
CA LEU F 32 -27.04 -31.70 -9.61
C LEU F 32 -27.43 -31.02 -8.28
N ASN F 33 -27.57 -31.83 -7.23
CA ASN F 33 -28.00 -31.32 -5.92
C ASN F 33 -27.73 -32.31 -4.79
N ILE F 34 -27.92 -31.86 -3.55
CA ILE F 34 -27.92 -32.74 -2.37
C ILE F 34 -29.21 -32.59 -1.58
N MET F 35 -29.96 -33.69 -1.46
CA MET F 35 -31.10 -33.75 -0.55
C MET F 35 -30.62 -34.38 0.75
N GLY F 36 -30.94 -33.73 1.87
CA GLY F 36 -30.49 -34.18 3.19
C GLY F 36 -31.47 -33.95 4.32
N TRP F 37 -31.16 -34.59 5.46
CA TRP F 37 -31.90 -34.43 6.70
C TRP F 37 -30.93 -33.93 7.75
N TYR F 38 -31.27 -32.79 8.35
CA TYR F 38 -30.59 -32.27 9.53
C TYR F 38 -31.59 -32.31 10.66
N ARG F 39 -31.10 -32.25 11.89
CA ARG F 39 -31.95 -32.27 13.08
C ARG F 39 -31.46 -31.32 14.15
N GLN F 40 -32.39 -30.68 14.86
CA GLN F 40 -32.08 -29.77 15.95
C GLN F 40 -32.67 -30.31 17.25
N ALA F 41 -31.81 -30.92 18.06
CA ALA F 41 -32.18 -31.42 19.39
C ALA F 41 -32.58 -30.24 20.32
N PRO F 42 -33.28 -30.53 21.45
CA PRO F 42 -33.82 -29.41 22.23
C PRO F 42 -32.72 -28.57 22.86
N GLY F 43 -32.70 -27.28 22.52
CA GLY F 43 -31.65 -26.35 22.97
C GLY F 43 -30.23 -26.75 22.56
N LYS F 44 -30.08 -27.22 21.33
CA LYS F 44 -28.77 -27.59 20.76
C LYS F 44 -28.69 -27.12 19.32
N GLN F 45 -27.49 -27.16 18.75
CA GLN F 45 -27.27 -26.68 17.38
C GLN F 45 -27.67 -27.75 16.37
N ARG F 46 -28.21 -27.28 15.24
CA ARG F 46 -28.63 -28.16 14.15
C ARG F 46 -27.41 -28.93 13.62
N GLU F 47 -27.53 -30.25 13.54
CA GLU F 47 -26.46 -31.14 13.05
C GLU F 47 -26.95 -31.92 11.83
N LEU F 48 -26.00 -32.36 11.00
CA LEU F 48 -26.34 -33.26 9.90
C LEU F 48 -26.69 -34.61 10.48
N VAL F 49 -27.74 -35.23 9.92
CA VAL F 49 -28.10 -36.61 10.20
C VAL F 49 -27.62 -37.45 9.01
N ALA F 50 -28.13 -37.12 7.82
CA ALA F 50 -27.80 -37.84 6.60
C ALA F 50 -28.07 -37.01 5.36
N ALA F 51 -27.42 -37.39 4.26
CA ALA F 51 -27.49 -36.63 3.00
C ALA F 51 -27.14 -37.48 1.80
N ILE F 52 -27.82 -37.24 0.68
CA ILE F 52 -27.62 -38.01 -0.55
C ILE F 52 -27.57 -37.11 -1.79
N HIS F 53 -26.50 -37.25 -2.56
CA HIS F 53 -26.28 -36.49 -3.80
C HIS F 53 -27.12 -37.06 -4.95
N SER F 54 -27.32 -36.27 -6.00
CA SER F 54 -28.01 -36.73 -7.23
C SER F 54 -27.29 -37.94 -7.85
N GLY F 55 -25.95 -37.86 -7.90
CA GLY F 55 -25.08 -38.99 -8.24
C GLY F 55 -25.41 -40.26 -7.48
N GLY F 56 -25.59 -40.15 -6.16
CA GLY F 56 -25.94 -41.28 -5.30
C GLY F 56 -25.03 -41.53 -4.12
N THR F 57 -23.91 -40.80 -4.03
CA THR F 57 -23.05 -40.82 -2.84
C THR F 57 -23.82 -40.36 -1.59
N THR F 58 -23.45 -40.90 -0.43
CA THR F 58 -24.15 -40.64 0.82
C THR F 58 -23.20 -40.37 1.98
N ASN F 59 -23.64 -39.52 2.90
CA ASN F 59 -22.85 -39.12 4.06
C ASN F 59 -23.75 -39.12 5.27
N TYR F 60 -23.38 -39.91 6.29
CA TYR F 60 -24.14 -40.03 7.55
C TYR F 60 -23.32 -39.49 8.72
N ALA F 61 -24.01 -38.97 9.72
CA ALA F 61 -23.35 -38.56 10.97
C ALA F 61 -23.10 -39.79 11.81
N ASN F 62 -22.04 -39.75 12.63
CA ASN F 62 -21.59 -40.91 13.42
C ASN F 62 -22.70 -41.55 14.25
N SER F 63 -23.41 -40.74 15.02
CA SER F 63 -24.47 -41.24 15.91
C SER F 63 -25.46 -42.19 15.20
N VAL F 64 -25.88 -41.82 13.99
CA VAL F 64 -26.90 -42.57 13.26
C VAL F 64 -26.36 -43.56 12.21
N LYS F 65 -25.05 -43.84 12.23
CA LYS F 65 -24.45 -44.77 11.26
C LYS F 65 -24.89 -46.20 11.56
N GLY F 66 -25.24 -46.95 10.51
CA GLY F 66 -25.70 -48.33 10.63
C GLY F 66 -27.18 -48.50 10.96
N ARG F 67 -27.80 -47.48 11.55
CA ARG F 67 -29.21 -47.51 11.94
C ARG F 67 -30.10 -46.87 10.87
N PHE F 68 -29.74 -45.66 10.44
CA PHE F 68 -30.54 -44.86 9.50
C PHE F 68 -30.07 -45.13 8.06
N THR F 69 -30.98 -44.93 7.10
CA THR F 69 -30.68 -45.14 5.67
C THR F 69 -31.35 -44.07 4.82
N ILE F 70 -30.52 -43.22 4.21
CA ILE F 70 -31.02 -42.15 3.35
C ILE F 70 -30.98 -42.65 1.92
N SER F 71 -32.14 -42.61 1.29
CA SER F 71 -32.33 -43.07 -0.07
C SER F 71 -33.14 -41.99 -0.73
N ARG F 72 -33.17 -41.98 -2.05
CA ARG F 72 -34.01 -41.02 -2.73
C ARG F 72 -34.77 -41.65 -3.88
N ASP F 73 -35.90 -41.04 -4.21
CA ASP F 73 -36.74 -41.47 -5.30
C ASP F 73 -36.00 -41.12 -6.59
N ASN F 74 -35.63 -42.16 -7.33
CA ASN F 74 -35.07 -42.00 -8.69
C ASN F 74 -35.95 -41.19 -9.66
N ALA F 75 -37.28 -41.35 -9.54
CA ALA F 75 -38.24 -40.62 -10.38
C ALA F 75 -38.38 -39.15 -9.95
N ALA F 76 -39.05 -38.92 -8.81
CA ALA F 76 -39.37 -37.55 -8.36
C ALA F 76 -38.22 -36.90 -7.59
N ASN F 77 -38.45 -35.68 -7.09
CA ASN F 77 -37.55 -35.03 -6.13
C ASN F 77 -38.06 -35.29 -4.73
N THR F 78 -37.81 -36.51 -4.24
CA THR F 78 -38.22 -36.95 -2.89
C THR F 78 -37.12 -37.79 -2.23
N VAL F 79 -36.90 -37.55 -0.93
CA VAL F 79 -35.85 -38.21 -0.16
C VAL F 79 -36.45 -38.83 1.09
N TYR F 80 -35.94 -40.01 1.44
CA TYR F 80 -36.46 -40.83 2.54
C TYR F 80 -35.36 -41.14 3.55
N LEU F 81 -35.60 -40.88 4.82
CA LEU F 81 -34.69 -41.31 5.89
C LEU F 81 -35.36 -42.43 6.68
N GLN F 82 -34.97 -43.68 6.40
CA GLN F 82 -35.46 -44.84 7.13
C GLN F 82 -34.76 -44.96 8.48
N MET F 83 -35.42 -44.52 9.55
CA MET F 83 -34.83 -44.52 10.89
C MET F 83 -35.21 -45.78 11.67
N ASN F 84 -34.22 -46.63 11.96
CA ASN F 84 -34.43 -47.86 12.74
C ASN F 84 -33.67 -47.80 14.06
N SER F 85 -34.06 -48.67 15.00
CA SER F 85 -33.37 -48.83 16.31
C SER F 85 -33.29 -47.54 17.12
N LEU F 86 -34.38 -46.76 17.08
CA LEU F 86 -34.41 -45.40 17.64
C LEU F 86 -34.14 -45.36 19.15
N LYS F 87 -33.58 -44.23 19.58
CA LYS F 87 -33.22 -44.00 20.98
C LYS F 87 -33.76 -42.63 21.38
N PRO F 88 -33.95 -42.39 22.69
CA PRO F 88 -34.46 -41.08 23.12
C PRO F 88 -33.58 -39.86 22.77
N GLU F 89 -32.29 -40.07 22.52
CA GLU F 89 -31.38 -38.99 22.10
C GLU F 89 -31.67 -38.53 20.66
N ASP F 90 -32.26 -39.40 19.85
CA ASP F 90 -32.66 -39.03 18.48
C ASP F 90 -33.82 -38.05 18.43
N THR F 91 -34.54 -37.89 19.54
CA THR F 91 -35.62 -36.91 19.65
C THR F 91 -35.15 -35.51 19.27
N ALA F 92 -35.78 -34.95 18.24
CA ALA F 92 -35.44 -33.62 17.71
C ALA F 92 -36.46 -33.19 16.67
N VAL F 93 -36.37 -31.92 16.26
CA VAL F 93 -37.06 -31.45 15.08
C VAL F 93 -36.15 -31.79 13.91
N TYR F 94 -36.65 -32.59 12.96
CA TYR F 94 -35.87 -32.97 11.78
C TYR F 94 -36.25 -32.06 10.62
N TYR F 95 -35.24 -31.43 10.01
CA TYR F 95 -35.42 -30.52 8.87
C TYR F 95 -34.90 -31.13 7.57
N CYS F 96 -35.75 -31.10 6.55
CA CYS F 96 -35.34 -31.47 5.20
C CYS F 96 -34.55 -30.32 4.61
N ASN F 97 -33.59 -30.65 3.74
CA ASN F 97 -32.72 -29.64 3.12
C ASN F 97 -32.38 -30.03 1.69
N VAL F 98 -32.36 -29.04 0.79
CA VAL F 98 -31.85 -29.21 -0.57
C VAL F 98 -30.75 -28.18 -0.78
N LYS F 99 -29.56 -28.65 -1.16
CA LYS F 99 -28.47 -27.82 -1.67
C LYS F 99 -28.57 -27.86 -3.19
N ASP F 100 -28.92 -26.73 -3.80
CA ASP F 100 -29.10 -26.64 -5.26
C ASP F 100 -27.89 -25.97 -5.92
N PHE F 101 -27.21 -26.71 -6.81
CA PHE F 101 -25.97 -26.26 -7.45
C PHE F 101 -26.14 -25.52 -8.79
N GLY F 102 -27.35 -25.06 -9.10
CA GLY F 102 -27.67 -24.43 -10.38
C GLY F 102 -26.95 -23.15 -10.74
N ALA F 103 -26.45 -22.43 -9.72
CA ALA F 103 -25.65 -21.23 -9.95
C ALA F 103 -24.20 -21.54 -10.33
N ILE F 104 -23.72 -22.76 -10.01
CA ILE F 104 -22.35 -23.23 -10.27
C ILE F 104 -21.33 -22.70 -9.26
N ILE F 105 -21.22 -21.38 -9.13
CA ILE F 105 -20.17 -20.78 -8.28
C ILE F 105 -20.55 -20.89 -6.80
N TYR F 106 -21.84 -20.76 -6.53
CA TYR F 106 -22.39 -20.90 -5.18
C TYR F 106 -23.54 -21.88 -5.21
N ASP F 107 -24.03 -22.21 -4.02
CA ASP F 107 -25.16 -23.13 -3.88
C ASP F 107 -26.26 -22.45 -3.12
N TYR F 108 -27.50 -22.62 -3.62
CA TYR F 108 -28.67 -22.02 -3.02
C TYR F 108 -29.40 -23.09 -2.20
N ASP F 109 -29.79 -22.72 -0.98
CA ASP F 109 -30.38 -23.64 -0.01
C ASP F 109 -31.89 -23.51 0.08
N TYR F 110 -32.53 -24.64 0.37
CA TYR F 110 -33.94 -24.70 0.70
C TYR F 110 -34.08 -25.47 2.01
N TRP F 111 -34.91 -24.98 2.92
CA TRP F 111 -35.18 -25.68 4.17
C TRP F 111 -36.67 -25.88 4.39
N GLY F 112 -37.04 -27.10 4.80
CA GLY F 112 -38.41 -27.40 5.18
C GLY F 112 -38.73 -26.79 6.53
N GLN F 113 -40.02 -26.64 6.82
CA GLN F 113 -40.49 -26.08 8.10
C GLN F 113 -39.98 -26.84 9.33
N GLY F 114 -39.85 -28.16 9.18
CA GLY F 114 -39.36 -29.05 10.23
C GLY F 114 -40.49 -29.95 10.67
N THR F 115 -40.16 -31.16 11.12
CA THR F 115 -41.16 -32.11 11.58
C THR F 115 -40.64 -32.80 12.84
N GLN F 116 -41.54 -32.98 13.81
CA GLN F 116 -41.14 -33.43 15.14
C GLN F 116 -41.04 -34.93 15.18
N VAL F 117 -39.92 -35.42 15.71
CA VAL F 117 -39.73 -36.82 16.02
C VAL F 117 -39.45 -36.90 17.51
N THR F 118 -40.25 -37.69 18.24
CA THR F 118 -40.08 -37.87 19.69
C THR F 118 -40.01 -39.35 20.01
N VAL F 119 -38.88 -39.78 20.56
CA VAL F 119 -38.67 -41.17 20.91
C VAL F 119 -38.74 -41.31 22.43
N SER F 120 -39.82 -41.92 22.93
CA SER F 120 -39.97 -42.23 24.35
C SER F 120 -39.24 -43.53 24.68
N SER F 121 -38.85 -43.69 25.94
CA SER F 121 -38.06 -44.85 26.38
C SER F 121 -38.93 -46.09 26.49
#